data_5EA9
#
_entry.id   5EA9
#
_cell.length_a   68.284
_cell.length_b   71.863
_cell.length_c   124.264
_cell.angle_alpha   90.000
_cell.angle_beta   90.000
_cell.angle_gamma   90.000
#
_symmetry.space_group_name_H-M   'P 21 21 21'
#
loop_
_entity.id
_entity.type
_entity.pdbx_description
1 polymer 'Dihydroorotate dehydrogenase (fumarate)'
2 non-polymer 5-[(E)-3-thiophen-2-ylprop-2-enylidene]-1,3-diazinane-2,4,6-trione
3 non-polymer GLYCEROL
4 non-polymer 'FLAVIN MONONUCLEOTIDE'
5 non-polymer 1,2-ETHANEDIOL
6 non-polymer 'COBALT HEXAMMINE(III)'
7 water water
#
_entity_poly.entity_id   1
_entity_poly.type   'polypeptide(L)'
_entity_poly.pdbx_seq_one_letter_code
;SMCLKLNLLDHVFANPFMNAAGVLCSTEEDLRCMTASSSGALVSKSCTSAPRDGNPEPRYMAFPLGSINSMGLPNLGFDF
YLKYASDLHDYSKKPLFLSISGLSVEENVAMVRRLAPVAQEKGVLLELNLSCPNVPGKPQVAYDFEAMRTYLQQVSLAYG
LPFGVKMPPYFDIAHFDTAAAVLNEFPLVKFVTCVNSVGNGLVIDAESESVVIKPKQGFGGLGGKYILPTALANVNAFYR
RCPDKLVFGCGGVYSGEDAFLHILAGASMVQVGTALQEEGPGIFTRLEDELLEIMARKGYRTLEEFRGRVKTIE
;
_entity_poly.pdbx_strand_id   A,B
#
loop_
_chem_comp.id
_chem_comp.type
_chem_comp.name
_chem_comp.formula
5LM non-polymer 5-[(E)-3-thiophen-2-ylprop-2-enylidene]-1,3-diazinane-2,4,6-trione 'C11 H8 N2 O3 S'
EDO non-polymer 1,2-ETHANEDIOL 'C2 H6 O2'
FMN non-polymer 'FLAVIN MONONUCLEOTIDE' 'C17 H21 N4 O9 P'
GOL non-polymer GLYCEROL 'C3 H8 O3'
NCO non-polymer 'COBALT HEXAMMINE(III)' 'Co H18 N6 3'
#
# COMPACT_ATOMS: atom_id res chain seq x y z
N MET A 2 18.01 -0.08 -32.72
CA MET A 2 17.21 -0.17 -31.44
C MET A 2 18.15 -0.16 -30.28
N CYS A 3 17.81 0.52 -29.20
CA CYS A 3 18.89 0.92 -28.31
C CYS A 3 18.38 1.23 -26.89
N LEU A 4 18.99 0.64 -25.85
CA LEU A 4 18.62 0.92 -24.45
C LEU A 4 19.48 1.94 -23.74
N LYS A 5 20.38 2.60 -24.46
CA LYS A 5 21.31 3.46 -23.84
C LYS A 5 20.66 4.72 -23.30
N LEU A 6 21.23 5.23 -22.23
CA LEU A 6 20.81 6.50 -21.69
C LEU A 6 21.99 7.27 -21.28
N ASN A 7 21.77 8.57 -21.23
CA ASN A 7 22.78 9.48 -20.88
C ASN A 7 22.10 10.44 -19.91
N LEU A 8 22.43 10.34 -18.65
CA LEU A 8 21.84 11.21 -17.64
C LEU A 8 22.74 11.44 -16.47
N LEU A 9 22.44 12.48 -15.69
CA LEU A 9 23.29 12.91 -14.62
C LEU A 9 24.84 12.97 -15.05
N ASP A 10 25.18 13.30 -16.30
CA ASP A 10 26.65 13.28 -16.73
C ASP A 10 27.31 11.92 -16.77
N HIS A 11 26.52 10.84 -16.79
CA HIS A 11 27.02 9.51 -16.98
C HIS A 11 26.35 8.85 -18.17
N VAL A 12 27.00 7.87 -18.75
CA VAL A 12 26.45 7.03 -19.77
C VAL A 12 26.06 5.63 -19.15
N PHE A 13 24.87 5.17 -19.50
CA PHE A 13 24.35 3.87 -19.04
C PHE A 13 24.04 3.02 -20.23
N ALA A 14 24.50 1.79 -20.23
CA ALA A 14 24.26 0.89 -21.30
C ALA A 14 22.75 0.58 -21.46
N ASN A 15 22.07 0.55 -20.32
CA ASN A 15 20.67 0.20 -20.26
C ASN A 15 20.12 0.76 -18.97
N PRO A 16 18.79 0.79 -18.80
CA PRO A 16 18.24 1.51 -17.64
C PRO A 16 18.24 0.66 -16.30
N PHE A 17 18.67 -0.59 -16.38
CA PHE A 17 18.49 -1.50 -15.22
C PHE A 17 19.57 -1.42 -14.20
N MET A 18 19.17 -1.50 -12.93
CA MET A 18 20.14 -1.64 -11.87
C MET A 18 19.45 -2.38 -10.72
N ASN A 19 20.23 -2.78 -9.71
CA ASN A 19 19.62 -3.33 -8.49
C ASN A 19 18.92 -2.25 -7.74
N ALA A 20 17.92 -2.65 -6.94
CA ALA A 20 17.37 -1.84 -5.86
C ALA A 20 18.27 -1.85 -4.63
N ALA A 21 18.46 -0.69 -4.00
CA ALA A 21 19.23 -0.71 -2.81
C ALA A 21 18.86 -1.76 -1.77
N GLY A 22 19.89 -2.40 -1.24
CA GLY A 22 19.67 -3.50 -0.30
C GLY A 22 19.75 -4.90 -0.88
N VAL A 23 19.54 -5.03 -2.18
CA VAL A 23 19.58 -6.37 -2.82
C VAL A 23 20.88 -6.51 -3.56
N LEU A 24 21.64 -7.53 -3.23
CA LEU A 24 22.88 -7.88 -3.92
C LEU A 24 23.91 -6.74 -3.95
N CYS A 25 24.09 -6.16 -2.79
CA CYS A 25 24.97 -4.97 -2.75
C CYS A 25 25.54 -4.64 -1.38
N SER A 26 25.63 -5.64 -0.51
CA SER A 26 26.06 -5.39 0.87
C SER A 26 27.58 -5.60 1.04
N THR A 27 28.13 -6.65 0.49
CA THR A 27 29.56 -6.97 0.61
C THR A 27 30.30 -6.60 -0.65
N GLU A 28 31.65 -6.63 -0.60
CA GLU A 28 32.45 -6.45 -1.75
C GLU A 28 32.14 -7.46 -2.87
N GLU A 29 31.96 -8.72 -2.41
CA GLU A 29 31.58 -9.76 -3.32
C GLU A 29 30.29 -9.35 -4.05
N ASP A 30 29.29 -8.90 -3.32
CA ASP A 30 27.96 -8.55 -3.92
C ASP A 30 28.20 -7.44 -4.97
N LEU A 31 28.97 -6.45 -4.54
CA LEU A 31 29.26 -5.32 -5.45
C LEU A 31 30.02 -5.68 -6.70
N ARG A 32 31.03 -6.53 -6.63
CA ARG A 32 31.69 -7.12 -7.82
C ARG A 32 30.75 -7.89 -8.73
N CYS A 33 29.83 -8.63 -8.13
CA CYS A 33 28.89 -9.44 -8.87
C CYS A 33 27.98 -8.50 -9.66
N MET A 34 27.42 -7.50 -9.00
CA MET A 34 26.57 -6.52 -9.67
C MET A 34 27.36 -5.77 -10.78
N THR A 35 28.64 -5.55 -10.55
CA THR A 35 29.45 -4.92 -11.62
C THR A 35 29.67 -5.84 -12.80
N ALA A 36 29.88 -7.13 -12.57
CA ALA A 36 30.13 -8.07 -13.62
C ALA A 36 28.83 -8.40 -14.39
N SER A 37 27.67 -8.07 -13.80
CA SER A 37 26.40 -8.36 -14.46
C SER A 37 26.13 -7.42 -15.63
N SER A 38 25.02 -7.70 -16.35
CA SER A 38 24.63 -6.86 -17.53
C SER A 38 23.91 -5.58 -17.12
N SER A 39 23.65 -5.33 -15.81
CA SER A 39 22.98 -4.11 -15.41
C SER A 39 23.67 -2.87 -15.92
N GLY A 40 22.84 -1.84 -16.12
CA GLY A 40 23.38 -0.52 -16.51
C GLY A 40 24.07 0.24 -15.42
N ALA A 41 23.72 0.00 -14.16
CA ALA A 41 24.32 0.61 -13.03
C ALA A 41 24.16 -0.31 -11.78
N LEU A 42 24.72 0.12 -10.66
CA LEU A 42 24.47 -0.51 -9.38
C LEU A 42 24.39 0.51 -8.30
N VAL A 43 23.71 0.18 -7.21
CA VAL A 43 23.62 0.95 -6.00
C VAL A 43 24.04 0.15 -4.77
N SER A 44 24.79 0.78 -3.84
CA SER A 44 25.21 0.02 -2.66
C SER A 44 24.11 -0.04 -1.61
N LYS A 45 24.26 -0.98 -0.68
CA LYS A 45 23.43 -1.10 0.45
C LYS A 45 23.32 0.13 1.33
N SER A 46 22.13 0.52 1.79
CA SER A 46 22.00 1.76 2.65
C SER A 46 22.91 1.59 3.84
N CYS A 47 23.69 2.62 4.17
CA CYS A 47 24.65 2.44 5.28
C CYS A 47 24.42 3.49 6.38
N THR A 48 24.82 3.09 7.59
CA THR A 48 24.87 3.98 8.75
C THR A 48 26.34 4.27 8.97
N SER A 49 26.61 5.22 9.86
CA SER A 49 27.97 5.69 10.03
C SER A 49 28.83 4.56 10.56
N ALA A 50 28.35 3.93 11.59
CA ALA A 50 29.01 2.75 12.15
C ALA A 50 28.43 1.46 11.57
N PRO A 51 29.25 0.36 11.41
CA PRO A 51 28.74 -0.98 11.07
C PRO A 51 27.65 -1.43 12.03
N ARG A 52 26.75 -2.27 11.53
CA ARG A 52 25.60 -2.79 12.27
C ARG A 52 25.27 -4.22 11.81
N ASP A 53 24.74 -5.01 12.70
CA ASP A 53 24.27 -6.38 12.40
C ASP A 53 22.88 -6.48 11.72
N GLY A 54 22.05 -5.46 11.86
CA GLY A 54 20.64 -5.62 11.56
C GLY A 54 19.86 -6.58 12.49
N ASN A 55 18.63 -6.89 12.09
CA ASN A 55 17.66 -7.66 12.88
C ASN A 55 17.87 -9.22 12.97
N PRO A 56 17.22 -9.88 13.95
CA PRO A 56 17.31 -11.37 14.12
C PRO A 56 16.75 -12.15 12.92
N GLU A 57 17.26 -13.34 12.57
CA GLU A 57 16.72 -14.08 11.37
C GLU A 57 15.60 -14.99 11.81
N PRO A 58 14.61 -15.26 10.98
CA PRO A 58 14.42 -14.83 9.57
C PRO A 58 13.96 -13.36 9.43
N ARG A 59 14.56 -12.67 8.50
CA ARG A 59 14.17 -11.25 8.26
C ARG A 59 13.81 -10.94 6.80
N TYR A 60 13.82 -11.91 5.93
CA TYR A 60 13.34 -11.78 4.56
C TYR A 60 12.66 -13.10 4.19
N MET A 61 11.55 -13.03 3.53
CA MET A 61 10.91 -14.19 2.92
C MET A 61 10.24 -13.78 1.66
N ALA A 62 10.29 -14.66 0.67
CA ALA A 62 9.69 -14.47 -0.65
C ALA A 62 8.65 -15.55 -0.98
N PHE A 63 7.68 -15.13 -1.76
CA PHE A 63 6.48 -15.88 -2.10
C PHE A 63 6.17 -15.58 -3.58
N PRO A 64 5.20 -16.29 -4.16
CA PRO A 64 4.88 -16.06 -5.57
C PRO A 64 4.53 -14.63 -5.94
N LEU A 65 3.86 -13.96 -5.02
CA LEU A 65 3.45 -12.57 -5.24
C LEU A 65 4.39 -11.51 -4.73
N GLY A 66 5.45 -11.90 -4.04
CA GLY A 66 6.48 -10.87 -3.68
C GLY A 66 7.22 -11.20 -2.43
N SER A 67 7.63 -10.20 -1.67
CA SER A 67 8.49 -10.43 -0.56
C SER A 67 8.06 -9.56 0.64
N ILE A 68 8.46 -10.02 1.82
CA ILE A 68 8.35 -9.23 3.03
C ILE A 68 9.70 -9.18 3.73
N ASN A 69 10.11 -8.00 4.27
CA ASN A 69 11.40 -7.95 4.91
C ASN A 69 11.40 -6.99 6.09
N SER A 70 12.17 -7.35 7.09
CA SER A 70 12.52 -6.40 8.15
CA SER A 70 12.51 -6.40 8.15
C SER A 70 14.00 -6.49 8.43
N MET A 71 14.81 -6.13 7.43
CA MET A 71 16.23 -6.32 7.52
C MET A 71 16.79 -5.48 8.68
N GLY A 72 16.32 -4.25 8.79
CA GLY A 72 16.73 -3.40 9.95
C GLY A 72 18.06 -2.77 9.65
N LEU A 73 18.97 -2.69 10.60
CA LEU A 73 20.23 -1.97 10.37
C LEU A 73 21.44 -2.55 9.47
N PRO A 74 21.31 -3.68 8.64
CA PRO A 74 22.60 -4.37 8.46
C PRO A 74 23.49 -3.92 7.36
N ASN A 75 24.70 -3.48 7.74
CA ASN A 75 25.58 -2.98 6.74
C ASN A 75 26.97 -2.92 7.33
N LEU A 76 27.91 -2.89 6.44
CA LEU A 76 29.27 -2.96 6.81
C LEU A 76 29.75 -1.57 7.29
N GLY A 77 28.91 -0.55 7.20
CA GLY A 77 29.23 0.81 7.65
C GLY A 77 29.71 1.67 6.56
N PHE A 78 29.52 2.97 6.75
CA PHE A 78 29.97 3.98 5.77
C PHE A 78 31.37 3.92 5.33
N ASP A 79 32.33 3.61 6.25
CA ASP A 79 33.72 3.58 5.83
C ASP A 79 33.99 2.62 4.71
N PHE A 80 33.31 1.49 4.81
CA PHE A 80 33.48 0.44 3.84
C PHE A 80 32.96 0.88 2.48
N TYR A 81 31.72 1.41 2.45
CA TYR A 81 31.08 1.85 1.13
C TYR A 81 31.80 3.04 0.48
N LEU A 82 32.30 3.95 1.30
CA LEU A 82 33.21 5.03 0.80
C LEU A 82 34.49 4.55 0.17
N LYS A 83 35.16 3.55 0.80
CA LYS A 83 36.35 2.96 0.20
C LYS A 83 36.08 2.21 -1.06
N TYR A 84 34.95 1.46 -1.07
CA TYR A 84 34.54 0.84 -2.31
C TYR A 84 34.50 1.85 -3.46
N ALA A 85 33.83 2.92 -3.21
CA ALA A 85 33.65 3.97 -4.23
C ALA A 85 35.00 4.64 -4.61
N SER A 86 35.88 4.78 -3.62
CA SER A 86 37.18 5.50 -3.84
C SER A 86 38.17 4.65 -4.54
N ASP A 87 38.33 3.42 -4.05
CA ASP A 87 39.44 2.57 -4.40
C ASP A 87 39.15 1.35 -5.19
N LEU A 88 37.95 0.78 -5.04
CA LEU A 88 37.70 -0.57 -5.58
C LEU A 88 36.81 -0.61 -6.86
N HIS A 89 35.84 0.26 -6.94
CA HIS A 89 34.85 0.23 -8.07
C HIS A 89 35.46 0.52 -9.43
N ASP A 90 35.21 -0.34 -10.41
CA ASP A 90 35.63 -0.04 -11.74
C ASP A 90 34.56 0.80 -12.48
N TYR A 91 34.79 2.09 -12.54
CA TYR A 91 33.92 3.03 -13.24
C TYR A 91 33.87 2.87 -14.74
N SER A 92 34.83 2.22 -15.34
CA SER A 92 34.75 1.92 -16.76
C SER A 92 33.69 0.85 -17.10
N LYS A 93 33.24 0.13 -16.08
CA LYS A 93 32.22 -0.91 -16.30
C LYS A 93 30.82 -0.31 -16.34
N LYS A 94 30.51 0.46 -15.31
CA LYS A 94 29.26 1.09 -15.21
C LYS A 94 29.30 2.06 -14.05
N PRO A 95 28.34 3.00 -13.99
CA PRO A 95 28.17 3.94 -12.89
C PRO A 95 27.71 3.32 -11.59
N LEU A 96 28.15 3.95 -10.50
CA LEU A 96 27.89 3.55 -9.13
C LEU A 96 27.17 4.62 -8.40
N PHE A 97 26.08 4.22 -7.71
CA PHE A 97 25.37 4.97 -6.76
C PHE A 97 25.61 4.45 -5.36
N LEU A 98 25.67 5.35 -4.39
CA LEU A 98 25.91 5.05 -2.99
C LEU A 98 24.74 5.45 -2.17
N SER A 99 24.11 4.48 -1.48
CA SER A 99 22.96 4.79 -0.61
C SER A 99 23.28 5.03 0.80
N ILE A 100 22.85 6.17 1.32
CA ILE A 100 23.03 6.42 2.78
C ILE A 100 21.76 6.55 3.55
N SER A 101 21.75 6.07 4.78
CA SER A 101 20.59 6.12 5.59
C SER A 101 20.95 6.23 7.06
N GLY A 102 21.56 7.35 7.36
CA GLY A 102 21.82 7.71 8.76
C GLY A 102 20.58 7.78 9.62
N LEU A 103 20.72 7.60 10.92
CA LEU A 103 19.55 7.61 11.85
C LEU A 103 19.11 8.97 12.46
N SER A 104 19.69 10.05 11.96
CA SER A 104 19.50 11.39 12.46
C SER A 104 19.99 12.21 11.34
N VAL A 105 19.53 13.47 11.26
CA VAL A 105 20.08 14.39 10.23
C VAL A 105 21.57 14.63 10.35
N GLU A 106 22.03 14.62 11.60
CA GLU A 106 23.45 14.74 11.98
C GLU A 106 24.31 13.67 11.37
N GLU A 107 23.87 12.42 11.60
CA GLU A 107 24.56 11.26 11.01
C GLU A 107 24.64 11.43 9.50
N ASN A 108 23.51 11.80 8.85
CA ASN A 108 23.60 11.93 7.38
C ASN A 108 24.56 13.01 6.97
N VAL A 109 24.47 14.14 7.64
CA VAL A 109 25.35 15.27 7.28
C VAL A 109 26.82 14.88 7.47
N ALA A 110 27.11 14.28 8.63
CA ALA A 110 28.47 13.68 8.88
C ALA A 110 28.95 12.88 7.66
N MET A 111 28.10 11.93 7.18
CA MET A 111 28.48 11.17 6.01
C MET A 111 28.62 11.91 4.76
N VAL A 112 27.66 12.80 4.45
CA VAL A 112 27.76 13.43 3.14
C VAL A 112 28.96 14.42 3.01
N ARG A 113 29.33 15.02 4.12
CA ARG A 113 30.63 15.80 4.18
C ARG A 113 31.79 14.96 3.62
N ARG A 114 31.86 13.69 4.06
CA ARG A 114 32.94 12.79 3.62
C ARG A 114 32.80 12.24 2.22
N LEU A 115 31.53 12.01 1.76
CA LEU A 115 31.34 11.55 0.40
C LEU A 115 31.70 12.57 -0.69
N ALA A 116 31.49 13.84 -0.39
CA ALA A 116 31.66 14.92 -1.45
C ALA A 116 32.93 14.91 -2.31
N PRO A 117 34.12 14.78 -1.64
CA PRO A 117 35.34 14.74 -2.40
C PRO A 117 35.44 13.54 -3.28
N VAL A 118 34.95 12.39 -2.76
CA VAL A 118 34.87 11.15 -3.57
C VAL A 118 33.92 11.34 -4.78
N ALA A 119 32.78 11.93 -4.55
CA ALA A 119 31.82 12.23 -5.66
C ALA A 119 32.43 13.11 -6.73
N GLN A 120 33.07 14.17 -6.27
CA GLN A 120 33.83 15.10 -7.19
C GLN A 120 34.89 14.36 -7.97
N GLU A 121 35.69 13.57 -7.27
CA GLU A 121 36.79 12.85 -7.92
C GLU A 121 36.39 11.72 -8.86
N LYS A 122 35.50 10.85 -8.37
CA LYS A 122 35.22 9.56 -9.03
C LYS A 122 33.90 9.50 -9.81
N GLY A 123 32.98 10.30 -9.39
CA GLY A 123 31.70 10.40 -10.11
C GLY A 123 30.61 9.52 -9.44
N VAL A 124 30.91 8.89 -8.30
CA VAL A 124 29.86 8.19 -7.47
C VAL A 124 28.68 9.12 -7.22
N LEU A 125 27.45 8.57 -7.27
CA LEU A 125 26.20 9.33 -7.10
C LEU A 125 25.54 8.96 -5.84
N LEU A 126 25.12 9.95 -5.10
CA LEU A 126 24.44 9.73 -3.89
C LEU A 126 22.96 9.46 -4.08
N GLU A 127 22.47 8.41 -3.40
CA GLU A 127 21.03 8.24 -3.10
C GLU A 127 20.74 8.29 -1.63
N LEU A 128 19.98 9.29 -1.17
CA LEU A 128 19.70 9.45 0.15
C LEU A 128 18.40 8.78 0.53
N ASN A 129 18.47 7.84 1.45
CA ASN A 129 17.26 7.03 1.83
C ASN A 129 16.47 7.67 2.89
N LEU A 130 15.26 8.18 2.56
CA LEU A 130 14.34 8.69 3.57
C LEU A 130 13.14 7.85 3.85
N SER A 131 13.20 6.55 3.60
CA SER A 131 11.95 5.73 3.63
C SER A 131 12.04 4.35 4.25
N CYS A 132 13.08 4.10 4.98
CA CYS A 132 13.15 2.78 5.72
C CYS A 132 11.92 2.52 6.63
N PRO A 133 11.17 1.40 6.44
CA PRO A 133 10.00 1.20 7.29
C PRO A 133 10.22 0.24 8.48
N ASN A 134 11.50 -0.15 8.75
CA ASN A 134 11.83 -1.25 9.69
C ASN A 134 12.74 -0.95 10.91
N VAL A 135 12.97 0.34 11.20
CA VAL A 135 13.70 0.73 12.45
C VAL A 135 12.64 1.14 13.51
N PRO A 136 12.49 0.39 14.66
CA PRO A 136 11.46 0.82 15.68
C PRO A 136 11.76 2.17 16.39
N GLY A 137 10.73 3.00 16.60
CA GLY A 137 10.90 4.37 17.09
C GLY A 137 11.46 5.39 16.08
N LYS A 138 11.70 4.93 14.84
CA LYS A 138 12.21 5.81 13.77
C LYS A 138 11.37 5.56 12.48
N PRO A 139 10.09 6.04 12.48
CA PRO A 139 9.28 6.01 11.24
C PRO A 139 9.89 6.72 10.04
N GLN A 140 9.34 6.36 8.88
CA GLN A 140 9.80 6.75 7.59
C GLN A 140 9.89 8.28 7.65
N VAL A 141 11.09 8.83 7.49
CA VAL A 141 11.34 10.29 7.54
C VAL A 141 10.40 11.02 6.58
N ALA A 142 10.30 10.49 5.35
CA ALA A 142 9.54 11.20 4.31
C ALA A 142 8.03 11.15 4.53
N TYR A 143 7.53 10.51 5.59
CA TYR A 143 6.16 10.63 5.98
C TYR A 143 5.94 11.77 6.96
N ASP A 144 7.01 12.49 7.31
CA ASP A 144 6.96 13.73 8.14
C ASP A 144 7.57 14.80 7.31
N PHE A 145 6.71 15.64 6.72
CA PHE A 145 7.20 16.55 5.67
C PHE A 145 8.11 17.65 6.21
N GLU A 146 7.93 17.99 7.47
CA GLU A 146 8.82 18.96 8.18
C GLU A 146 10.22 18.43 8.36
N ALA A 147 10.28 17.20 8.91
CA ALA A 147 11.51 16.43 8.99
C ALA A 147 12.16 16.30 7.65
N MET A 148 11.36 15.89 6.62
CA MET A 148 11.94 15.78 5.29
C MET A 148 12.63 17.08 4.80
N ARG A 149 11.96 18.22 5.04
CA ARG A 149 12.51 19.48 4.50
C ARG A 149 13.85 19.84 5.21
N THR A 150 13.86 19.63 6.50
CA THR A 150 15.12 19.72 7.30
C THR A 150 16.27 18.87 6.83
N TYR A 151 15.99 17.56 6.58
CA TYR A 151 17.03 16.67 6.10
C TYR A 151 17.54 17.16 4.80
N LEU A 152 16.65 17.60 3.89
CA LEU A 152 17.11 17.98 2.59
C LEU A 152 17.91 19.31 2.60
N GLN A 153 17.50 20.19 3.51
CA GLN A 153 18.21 21.48 3.68
C GLN A 153 19.65 21.27 4.11
N GLN A 154 19.75 20.56 5.21
CA GLN A 154 21.06 20.24 5.84
C GLN A 154 21.93 19.45 4.93
N VAL A 155 21.39 18.39 4.31
CA VAL A 155 22.21 17.64 3.36
C VAL A 155 22.57 18.44 2.11
N SER A 156 21.65 19.26 1.58
CA SER A 156 22.01 20.03 0.38
C SER A 156 23.21 20.97 0.73
N LEU A 157 23.12 21.49 1.94
CA LEU A 157 24.09 22.49 2.46
C LEU A 157 25.48 21.85 2.73
N ALA A 158 25.45 20.67 3.35
CA ALA A 158 26.64 19.89 3.70
C ALA A 158 27.28 19.25 2.49
N TYR A 159 26.48 18.86 1.49
CA TYR A 159 26.98 18.13 0.35
C TYR A 159 27.27 18.97 -0.87
N GLY A 160 26.34 19.89 -1.21
CA GLY A 160 26.51 20.86 -2.28
C GLY A 160 26.69 20.31 -3.64
N LEU A 161 26.34 19.03 -3.84
CA LEU A 161 26.44 18.42 -5.16
C LEU A 161 25.07 17.73 -5.54
N PRO A 162 24.84 17.44 -6.82
CA PRO A 162 23.61 16.72 -7.27
C PRO A 162 23.44 15.40 -6.54
N PHE A 163 22.24 15.10 -6.08
CA PHE A 163 21.95 13.82 -5.45
C PHE A 163 20.52 13.41 -5.74
N GLY A 164 20.17 12.19 -5.30
CA GLY A 164 18.78 11.76 -5.37
C GLY A 164 18.25 11.30 -4.04
N VAL A 165 16.95 11.02 -3.97
CA VAL A 165 16.29 10.64 -2.72
C VAL A 165 15.46 9.34 -2.99
N LYS A 166 15.55 8.38 -2.08
CA LYS A 166 14.68 7.17 -2.13
C LYS A 166 13.48 7.48 -1.32
N MET A 167 12.31 7.43 -1.97
CA MET A 167 11.08 7.76 -1.34
C MET A 167 10.20 6.60 -0.95
N PRO A 168 9.39 6.73 0.10
CA PRO A 168 8.39 5.74 0.46
C PRO A 168 7.20 5.94 -0.48
N PRO A 169 6.32 4.92 -0.62
CA PRO A 169 5.13 5.11 -1.38
C PRO A 169 4.11 5.98 -0.60
N TYR A 170 3.36 6.81 -1.32
CA TYR A 170 2.25 7.50 -0.83
C TYR A 170 0.96 6.99 -1.50
N PHE A 171 -0.13 7.29 -0.87
CA PHE A 171 -1.46 6.72 -1.12
C PHE A 171 -2.57 7.71 -1.22
N ASP A 172 -2.20 9.00 -1.28
CA ASP A 172 -3.16 10.08 -1.04
C ASP A 172 -2.68 11.26 -1.92
N ILE A 173 -3.60 11.86 -2.72
CA ILE A 173 -3.21 12.85 -3.69
C ILE A 173 -2.60 14.09 -2.97
N ALA A 174 -3.15 14.38 -1.83
CA ALA A 174 -2.57 15.56 -1.06
C ALA A 174 -1.11 15.35 -0.61
N HIS A 175 -0.77 14.09 -0.28
CA HIS A 175 0.61 13.73 -0.01
C HIS A 175 1.48 13.76 -1.21
N PHE A 176 1.02 13.33 -2.40
CA PHE A 176 1.85 13.49 -3.57
C PHE A 176 2.16 15.02 -3.73
N ASP A 177 1.10 15.81 -3.69
CA ASP A 177 1.24 17.30 -3.91
C ASP A 177 2.26 17.91 -2.91
N THR A 178 2.11 17.62 -1.67
CA THR A 178 3.04 18.15 -0.66
C THR A 178 4.46 17.65 -0.79
N ALA A 179 4.61 16.33 -1.01
CA ALA A 179 5.95 15.80 -1.08
C ALA A 179 6.72 16.28 -2.29
N ALA A 180 6.07 16.40 -3.45
CA ALA A 180 6.78 16.84 -4.67
C ALA A 180 7.19 18.31 -4.47
N ALA A 181 6.34 19.06 -3.80
CA ALA A 181 6.59 20.48 -3.53
C ALA A 181 7.80 20.63 -2.60
N VAL A 182 7.87 19.84 -1.52
CA VAL A 182 9.13 19.81 -0.74
C VAL A 182 10.31 19.52 -1.63
N LEU A 183 10.31 18.40 -2.32
CA LEU A 183 11.41 18.15 -3.18
C LEU A 183 11.80 19.23 -4.16
N ASN A 184 10.80 19.92 -4.75
CA ASN A 184 11.06 20.93 -5.74
C ASN A 184 11.67 22.24 -5.13
N GLU A 185 11.66 22.36 -3.81
CA GLU A 185 12.50 23.38 -3.08
C GLU A 185 14.01 23.16 -3.18
N PHE A 186 14.47 21.97 -3.62
CA PHE A 186 15.82 21.65 -3.60
C PHE A 186 16.37 21.33 -4.95
N PRO A 187 17.04 22.29 -5.58
CA PRO A 187 17.56 22.05 -6.88
C PRO A 187 18.71 21.04 -6.97
N LEU A 188 19.36 20.73 -5.86
CA LEU A 188 20.44 19.70 -5.92
C LEU A 188 19.81 18.27 -5.94
N VAL A 189 18.51 18.17 -5.71
CA VAL A 189 17.78 16.86 -5.90
C VAL A 189 17.48 16.67 -7.35
N LYS A 190 18.34 15.92 -8.02
CA LYS A 190 18.23 15.77 -9.43
C LYS A 190 17.43 14.50 -9.84
N PHE A 191 17.38 13.52 -8.94
CA PHE A 191 16.57 12.28 -9.16
C PHE A 191 15.78 11.91 -7.94
N VAL A 192 14.64 11.22 -8.21
CA VAL A 192 13.71 10.85 -7.14
C VAL A 192 13.46 9.35 -7.47
N THR A 193 13.82 8.45 -6.54
CA THR A 193 13.54 7.00 -6.69
C THR A 193 12.23 6.61 -5.93
N CYS A 194 11.28 6.12 -6.72
CA CYS A 194 9.92 5.83 -6.31
C CYS A 194 9.74 4.35 -6.66
N VAL A 195 9.64 3.36 -5.74
CA VAL A 195 9.43 3.48 -4.37
C VAL A 195 10.28 2.49 -3.55
N ASN A 196 10.49 2.86 -2.27
CA ASN A 196 10.85 1.90 -1.24
C ASN A 196 9.66 0.91 -0.98
N SER A 197 9.93 -0.07 -0.13
N SER A 197 9.95 -0.11 -0.22
CA SER A 197 8.90 -1.06 0.23
CA SER A 197 8.92 -1.11 0.10
C SER A 197 7.62 -0.45 0.75
C SER A 197 7.67 -0.51 0.76
N VAL A 198 6.51 -1.13 0.51
CA VAL A 198 5.25 -0.74 1.10
C VAL A 198 5.30 -1.19 2.56
N GLY A 199 5.35 -0.20 3.48
CA GLY A 199 5.68 -0.51 4.82
C GLY A 199 4.68 -1.30 5.63
N ASN A 200 5.22 -2.07 6.56
CA ASN A 200 4.47 -2.72 7.62
C ASN A 200 3.28 -3.57 7.17
N GLY A 201 3.50 -4.35 6.10
CA GLY A 201 2.59 -5.45 5.83
C GLY A 201 2.85 -6.60 6.77
N LEU A 202 1.98 -7.57 6.68
CA LEU A 202 2.02 -8.80 7.50
C LEU A 202 1.68 -10.04 6.76
N VAL A 203 2.67 -10.94 6.56
CA VAL A 203 2.42 -12.23 5.94
C VAL A 203 2.26 -13.27 7.05
N ILE A 204 1.21 -14.05 6.87
CA ILE A 204 0.90 -15.16 7.84
C ILE A 204 0.79 -16.47 7.09
N ASP A 205 1.49 -17.47 7.59
CA ASP A 205 1.46 -18.82 7.05
C ASP A 205 0.29 -19.62 7.67
N ALA A 206 -0.61 -20.10 6.81
CA ALA A 206 -1.86 -20.72 7.25
C ALA A 206 -1.60 -22.04 7.99
N GLU A 207 -0.65 -22.82 7.47
CA GLU A 207 -0.34 -24.07 8.14
C GLU A 207 0.18 -23.92 9.55
N SER A 208 1.18 -23.08 9.75
CA SER A 208 1.83 -22.93 11.03
C SER A 208 1.10 -21.97 11.95
N GLU A 209 0.18 -21.20 11.37
CA GLU A 209 -0.50 -20.12 12.05
C GLU A 209 0.40 -19.04 12.54
N SER A 210 1.52 -18.86 11.85
CA SER A 210 2.53 -18.02 12.31
C SER A 210 2.93 -16.95 11.27
N VAL A 211 3.39 -15.80 11.75
CA VAL A 211 4.15 -14.78 10.93
C VAL A 211 5.43 -15.52 10.43
N VAL A 212 6.03 -14.96 9.38
CA VAL A 212 7.11 -15.64 8.68
C VAL A 212 8.46 -14.92 8.87
N ILE A 213 8.50 -13.72 9.47
CA ILE A 213 9.72 -13.06 9.79
C ILE A 213 9.68 -12.70 11.28
N LYS A 214 10.84 -12.70 11.90
CA LYS A 214 10.95 -12.59 13.36
C LYS A 214 10.86 -11.17 13.94
N PRO A 215 11.55 -10.18 13.38
CA PRO A 215 11.46 -8.84 13.97
C PRO A 215 10.06 -8.23 13.98
N LYS A 216 9.78 -7.26 14.88
CA LYS A 216 8.56 -6.48 14.83
C LYS A 216 7.25 -7.28 14.72
N GLN A 217 7.14 -8.41 15.45
CA GLN A 217 6.02 -9.26 15.47
C GLN A 217 5.55 -9.67 14.08
N GLY A 218 6.53 -9.77 13.17
CA GLY A 218 6.20 -10.22 11.82
C GLY A 218 5.94 -9.14 10.80
N PHE A 219 5.82 -7.88 11.21
CA PHE A 219 5.51 -6.80 10.30
C PHE A 219 6.78 -6.45 9.48
N GLY A 220 6.66 -6.16 8.20
CA GLY A 220 7.83 -5.77 7.38
C GLY A 220 7.36 -5.16 6.08
N GLY A 221 8.32 -4.65 5.32
CA GLY A 221 8.02 -4.00 4.08
C GLY A 221 7.78 -5.01 2.94
N LEU A 222 6.82 -4.67 2.10
CA LEU A 222 6.39 -5.47 0.96
C LEU A 222 7.10 -5.02 -0.32
N GLY A 223 7.56 -6.02 -1.09
CA GLY A 223 8.08 -5.81 -2.41
C GLY A 223 7.43 -6.77 -3.35
N GLY A 224 7.70 -6.56 -4.62
CA GLY A 224 7.36 -7.51 -5.64
C GLY A 224 6.00 -7.31 -6.27
N LYS A 225 5.33 -8.38 -6.73
CA LYS A 225 4.10 -8.24 -7.48
C LYS A 225 3.02 -7.46 -6.72
N TYR A 226 2.97 -7.62 -5.38
CA TYR A 226 2.02 -6.88 -4.58
C TYR A 226 2.02 -5.37 -4.87
N ILE A 227 3.17 -4.78 -5.20
CA ILE A 227 3.36 -3.35 -5.15
C ILE A 227 3.48 -2.65 -6.49
N LEU A 228 3.36 -3.36 -7.60
CA LEU A 228 3.55 -2.73 -8.91
C LEU A 228 2.59 -1.56 -9.19
N PRO A 229 1.29 -1.70 -9.01
CA PRO A 229 0.44 -0.53 -9.26
C PRO A 229 0.73 0.65 -8.34
N THR A 230 1.08 0.37 -7.05
CA THR A 230 1.55 1.45 -6.14
C THR A 230 2.79 2.10 -6.63
N ALA A 231 3.75 1.30 -7.09
CA ALA A 231 5.04 1.85 -7.61
C ALA A 231 4.78 2.75 -8.86
N LEU A 232 4.01 2.23 -9.81
CA LEU A 232 3.70 3.00 -11.02
C LEU A 232 2.97 4.30 -10.69
N ALA A 233 2.06 4.28 -9.74
CA ALA A 233 1.39 5.47 -9.33
C ALA A 233 2.37 6.51 -8.81
N ASN A 234 3.34 6.07 -8.01
CA ASN A 234 4.23 7.07 -7.37
C ASN A 234 5.18 7.55 -8.40
N VAL A 235 5.67 6.69 -9.27
CA VAL A 235 6.56 7.06 -10.40
C VAL A 235 5.86 8.18 -11.26
N ASN A 236 4.66 7.90 -11.78
CA ASN A 236 3.96 8.95 -12.53
C ASN A 236 3.57 10.23 -11.76
N ALA A 237 3.20 10.08 -10.50
CA ALA A 237 2.79 11.20 -9.68
C ALA A 237 3.97 12.19 -9.53
N PHE A 238 5.17 11.66 -9.27
CA PHE A 238 6.35 12.56 -9.23
C PHE A 238 6.85 12.95 -10.57
N TYR A 239 6.69 12.15 -11.57
CA TYR A 239 7.10 12.54 -12.90
C TYR A 239 6.30 13.75 -13.31
N ARG A 240 5.01 13.72 -12.96
CA ARG A 240 4.10 14.85 -13.39
C ARG A 240 4.41 16.08 -12.55
N ARG A 241 4.69 15.92 -11.27
CA ARG A 241 4.89 17.03 -10.36
C ARG A 241 6.32 17.57 -10.26
N CYS A 242 7.34 16.88 -10.80
CA CYS A 242 8.75 17.33 -10.71
C CYS A 242 9.33 17.37 -12.10
N PRO A 243 8.89 18.36 -12.93
CA PRO A 243 9.27 18.36 -14.34
C PRO A 243 10.80 18.67 -14.56
N ASP A 244 11.46 19.19 -13.57
CA ASP A 244 12.94 19.43 -13.66
C ASP A 244 13.82 18.34 -13.06
N LYS A 245 13.23 17.19 -12.67
CA LYS A 245 13.99 16.12 -12.00
C LYS A 245 13.81 14.87 -12.79
N LEU A 246 14.69 13.92 -12.53
CA LEU A 246 14.54 12.57 -13.02
C LEU A 246 13.76 11.77 -11.97
N VAL A 247 13.02 10.78 -12.48
CA VAL A 247 12.35 9.76 -11.64
C VAL A 247 12.95 8.42 -11.98
N PHE A 248 13.45 7.70 -10.97
CA PHE A 248 13.87 6.33 -11.09
C PHE A 248 12.71 5.47 -10.56
N GLY A 249 12.39 4.44 -11.33
CA GLY A 249 11.31 3.54 -10.89
C GLY A 249 11.82 2.38 -10.10
N CYS A 250 11.12 2.05 -9.00
CA CYS A 250 11.42 0.83 -8.25
C CYS A 250 10.13 0.30 -7.69
N GLY A 251 9.95 -1.01 -7.91
CA GLY A 251 8.79 -1.72 -7.30
C GLY A 251 8.08 -2.63 -8.30
N GLY A 252 8.06 -3.94 -8.03
CA GLY A 252 7.30 -4.87 -8.85
C GLY A 252 7.88 -5.24 -10.18
N VAL A 253 9.16 -4.96 -10.49
CA VAL A 253 9.69 -5.28 -11.82
C VAL A 253 10.19 -6.74 -11.82
N TYR A 254 9.56 -7.59 -12.61
CA TYR A 254 9.98 -8.91 -12.89
C TYR A 254 10.25 -9.15 -14.41
N SER A 255 9.84 -8.24 -15.27
CA SER A 255 9.87 -8.52 -16.70
C SER A 255 10.16 -7.27 -17.44
N GLY A 256 10.54 -7.41 -18.70
CA GLY A 256 10.68 -6.24 -19.54
C GLY A 256 9.37 -5.48 -19.71
N GLU A 257 8.22 -6.18 -19.66
CA GLU A 257 6.95 -5.52 -19.72
C GLU A 257 6.75 -4.63 -18.50
N ASP A 258 7.07 -5.16 -17.32
CA ASP A 258 6.94 -4.33 -16.10
C ASP A 258 7.84 -3.07 -16.16
N ALA A 259 9.07 -3.24 -16.70
CA ALA A 259 9.96 -2.10 -16.94
C ALA A 259 9.39 -1.09 -17.96
N PHE A 260 8.85 -1.63 -19.03
CA PHE A 260 8.10 -0.81 -20.01
C PHE A 260 7.05 0.05 -19.36
N LEU A 261 6.23 -0.52 -18.45
CA LEU A 261 5.27 0.27 -17.73
C LEU A 261 5.85 1.35 -16.87
N HIS A 262 6.93 1.01 -16.13
CA HIS A 262 7.61 2.01 -15.32
C HIS A 262 8.06 3.21 -16.21
N ILE A 263 8.60 2.84 -17.35
CA ILE A 263 9.19 3.84 -18.33
C ILE A 263 8.06 4.70 -18.92
N LEU A 264 6.94 4.07 -19.27
CA LEU A 264 5.75 4.83 -19.67
C LEU A 264 5.30 5.76 -18.65
N ALA A 265 5.37 5.37 -17.35
CA ALA A 265 4.97 6.18 -16.23
C ALA A 265 5.90 7.34 -15.92
N GLY A 266 7.10 7.24 -16.45
CA GLY A 266 8.07 8.35 -16.37
C GLY A 266 9.44 7.94 -15.91
N ALA A 267 9.68 6.68 -15.62
CA ALA A 267 11.00 6.26 -15.14
C ALA A 267 12.17 6.47 -16.11
N SER A 268 13.30 6.97 -15.59
CA SER A 268 14.60 6.94 -16.31
C SER A 268 15.36 5.65 -16.05
N MET A 269 15.92 5.48 -14.86
CA MET A 269 16.43 4.17 -14.48
C MET A 269 15.25 3.34 -13.83
N VAL A 270 15.42 2.03 -13.94
CA VAL A 270 14.50 1.01 -13.40
C VAL A 270 15.29 0.11 -12.46
N GLN A 271 14.90 0.13 -11.20
CA GLN A 271 15.54 -0.69 -10.18
C GLN A 271 14.74 -2.02 -9.93
N VAL A 272 15.46 -3.05 -9.52
CA VAL A 272 14.93 -4.42 -9.42
C VAL A 272 15.38 -4.92 -8.04
N GLY A 273 14.40 -5.13 -7.15
CA GLY A 273 14.63 -5.64 -5.79
C GLY A 273 14.33 -7.13 -5.69
N THR A 274 13.11 -7.40 -5.27
CA THR A 274 12.60 -8.77 -5.01
C THR A 274 12.95 -9.71 -6.18
N ALA A 275 12.67 -9.32 -7.41
CA ALA A 275 12.93 -10.24 -8.52
C ALA A 275 14.38 -10.61 -8.66
N LEU A 276 15.28 -9.63 -8.42
CA LEU A 276 16.73 -9.89 -8.42
C LEU A 276 17.19 -10.75 -7.25
N GLN A 277 16.64 -10.49 -6.08
CA GLN A 277 16.87 -11.36 -4.92
C GLN A 277 16.50 -12.82 -5.23
N GLU A 278 15.42 -13.03 -5.94
CA GLU A 278 14.89 -14.37 -6.23
C GLU A 278 15.61 -15.06 -7.37
N GLU A 279 15.87 -14.33 -8.45
CA GLU A 279 16.37 -14.86 -9.71
C GLU A 279 17.89 -14.77 -9.86
N GLY A 280 18.50 -13.82 -9.19
CA GLY A 280 19.91 -13.59 -9.36
C GLY A 280 20.20 -12.68 -10.54
N PRO A 281 21.49 -12.33 -10.69
CA PRO A 281 21.85 -11.26 -11.61
C PRO A 281 21.68 -11.59 -13.07
N GLY A 282 21.51 -12.87 -13.39
CA GLY A 282 21.10 -13.26 -14.77
C GLY A 282 19.81 -12.58 -15.20
N ILE A 283 19.01 -12.05 -14.26
CA ILE A 283 17.76 -11.34 -14.61
C ILE A 283 18.00 -10.17 -15.57
N PHE A 284 19.16 -9.52 -15.43
CA PHE A 284 19.41 -8.35 -16.22
C PHE A 284 19.48 -8.62 -17.71
N THR A 285 20.01 -9.75 -18.13
CA THR A 285 20.06 -10.01 -19.55
C THR A 285 18.63 -10.31 -20.05
N ARG A 286 17.84 -11.03 -19.24
CA ARG A 286 16.44 -11.30 -19.58
C ARG A 286 15.64 -10.05 -19.71
N LEU A 287 15.75 -9.12 -18.77
CA LEU A 287 14.96 -7.90 -18.78
C LEU A 287 15.31 -7.09 -20.03
N GLU A 288 16.61 -7.06 -20.33
CA GLU A 288 17.07 -6.32 -21.58
C GLU A 288 16.45 -6.88 -22.82
N ASP A 289 16.54 -8.19 -22.99
CA ASP A 289 16.00 -8.85 -24.17
C ASP A 289 14.46 -8.64 -24.25
N GLU A 290 13.80 -8.76 -23.09
CA GLU A 290 12.32 -8.67 -23.10
C GLU A 290 11.90 -7.22 -23.40
N LEU A 291 12.62 -6.22 -22.90
CA LEU A 291 12.24 -4.87 -23.15
C LEU A 291 12.46 -4.51 -24.66
N LEU A 292 13.60 -4.93 -25.18
CA LEU A 292 13.87 -4.78 -26.64
C LEU A 292 12.84 -5.44 -27.52
N GLU A 293 12.33 -6.61 -27.11
CA GLU A 293 11.31 -7.29 -27.87
C GLU A 293 10.02 -6.46 -27.93
N ILE A 294 9.62 -5.87 -26.79
CA ILE A 294 8.47 -4.97 -26.75
C ILE A 294 8.67 -3.75 -27.61
N MET A 295 9.82 -3.11 -27.44
CA MET A 295 10.17 -1.96 -28.31
C MET A 295 10.11 -2.36 -29.79
N ALA A 296 10.67 -3.51 -30.14
CA ALA A 296 10.69 -3.90 -31.57
C ALA A 296 9.28 -4.02 -32.12
N ARG A 297 8.42 -4.72 -31.38
CA ARG A 297 7.03 -4.97 -31.75
C ARG A 297 6.27 -3.66 -31.96
N LYS A 298 6.60 -2.63 -31.19
CA LYS A 298 5.91 -1.34 -31.25
C LYS A 298 6.53 -0.28 -32.15
N GLY A 299 7.70 -0.61 -32.70
CA GLY A 299 8.43 0.34 -33.49
C GLY A 299 9.16 1.41 -32.74
N TYR A 300 9.51 1.18 -31.47
CA TYR A 300 10.23 2.15 -30.65
C TYR A 300 11.75 1.84 -30.76
N ARG A 301 12.51 2.86 -31.07
CA ARG A 301 13.95 2.67 -31.28
C ARG A 301 14.78 3.13 -30.10
N THR A 302 14.25 4.05 -29.30
CA THR A 302 14.86 4.52 -28.10
C THR A 302 13.89 4.64 -26.89
N LEU A 303 14.48 4.75 -25.70
CA LEU A 303 13.67 4.94 -24.44
C LEU A 303 12.93 6.22 -24.38
N GLU A 304 13.55 7.27 -24.85
CA GLU A 304 12.86 8.57 -24.77
C GLU A 304 11.66 8.66 -25.78
N GLU A 305 11.53 7.77 -26.76
CA GLU A 305 10.31 7.77 -27.63
C GLU A 305 9.01 7.45 -26.84
N PHE A 306 9.13 6.72 -25.72
CA PHE A 306 7.92 6.43 -24.87
C PHE A 306 8.01 6.82 -23.42
N ARG A 307 9.20 7.23 -22.93
CA ARG A 307 9.27 7.63 -21.51
C ARG A 307 8.26 8.68 -21.15
N GLY A 308 7.46 8.40 -20.14
CA GLY A 308 6.46 9.29 -19.61
C GLY A 308 5.20 9.49 -20.52
N ARG A 309 5.05 8.69 -21.53
CA ARG A 309 4.01 8.91 -22.53
C ARG A 309 2.77 7.99 -22.29
N VAL A 310 2.60 7.49 -21.05
CA VAL A 310 1.34 6.85 -20.68
C VAL A 310 0.14 7.74 -21.05
N LYS A 311 -0.85 7.10 -21.62
CA LYS A 311 -2.03 7.79 -22.09
C LYS A 311 -3.11 7.73 -21.06
N THR A 312 -3.78 8.85 -20.86
CA THR A 312 -4.99 8.88 -20.09
C THR A 312 -6.23 8.90 -20.96
N ILE A 313 -7.36 8.58 -20.35
CA ILE A 313 -8.64 8.35 -21.09
C ILE A 313 -9.43 9.67 -21.13
N GLU A 314 -9.75 10.17 -22.33
CA GLU A 314 -10.51 11.47 -22.51
C GLU A 314 -9.94 12.69 -21.75
N MET B 2 -18.30 -27.05 13.13
CA MET B 2 -19.65 -27.63 12.92
C MET B 2 -20.56 -26.56 12.29
N CYS B 3 -20.81 -25.45 13.00
CA CYS B 3 -21.50 -24.28 12.41
C CYS B 3 -20.70 -23.08 12.86
N LEU B 4 -20.60 -22.08 11.97
CA LEU B 4 -19.73 -20.86 12.06
C LEU B 4 -20.44 -19.72 12.70
N LYS B 5 -21.52 -19.92 13.50
CA LYS B 5 -22.38 -18.81 13.90
C LYS B 5 -21.67 -18.05 15.01
N LEU B 6 -21.96 -16.72 15.18
CA LEU B 6 -21.44 -15.73 16.19
C LEU B 6 -22.44 -14.62 16.65
N ASN B 7 -22.11 -13.97 17.78
CA ASN B 7 -22.79 -12.82 18.30
CA ASN B 7 -22.83 -12.83 18.42
C ASN B 7 -21.85 -11.68 18.46
N LEU B 8 -22.23 -10.50 17.97
CA LEU B 8 -21.43 -9.28 18.08
C LEU B 8 -22.35 -8.08 18.08
N LEU B 9 -21.99 -7.03 18.77
CA LEU B 9 -22.71 -5.76 18.67
C LEU B 9 -24.20 -5.93 18.97
N ASP B 10 -24.48 -6.88 19.84
CA ASP B 10 -25.83 -7.29 20.22
C ASP B 10 -26.67 -7.80 19.05
N HIS B 11 -25.99 -8.42 18.09
CA HIS B 11 -26.70 -9.14 17.08
C HIS B 11 -26.09 -10.45 16.90
N VAL B 12 -26.89 -11.31 16.29
CA VAL B 12 -26.48 -12.66 15.92
C VAL B 12 -26.19 -12.76 14.42
N PHE B 13 -25.08 -13.47 14.09
CA PHE B 13 -24.67 -13.68 12.68
C PHE B 13 -24.42 -15.18 12.50
N ALA B 14 -24.83 -15.70 11.37
CA ALA B 14 -24.72 -17.13 11.00
C ALA B 14 -23.31 -17.52 10.60
N ASN B 15 -22.53 -16.52 10.18
CA ASN B 15 -21.14 -16.74 9.76
C ASN B 15 -20.53 -15.35 9.71
N PRO B 16 -19.20 -15.26 9.65
CA PRO B 16 -18.52 -13.99 9.75
C PRO B 16 -18.42 -13.25 8.37
N PHE B 17 -18.99 -13.78 7.35
CA PHE B 17 -18.85 -13.25 5.98
C PHE B 17 -19.88 -12.19 5.60
N MET B 18 -19.41 -11.16 4.92
CA MET B 18 -20.33 -10.14 4.40
C MET B 18 -19.66 -9.53 3.20
N ASN B 19 -20.46 -8.77 2.42
CA ASN B 19 -19.85 -7.95 1.35
C ASN B 19 -19.04 -6.87 1.96
N ALA B 20 -18.06 -6.38 1.19
CA ALA B 20 -17.45 -5.11 1.45
C ALA B 20 -18.28 -3.97 0.94
N ALA B 21 -18.37 -2.86 1.70
CA ALA B 21 -19.17 -1.77 1.19
C ALA B 21 -18.80 -1.31 -0.21
N GLY B 22 -19.82 -1.03 -0.99
CA GLY B 22 -19.61 -0.70 -2.39
C GLY B 22 -19.78 -1.83 -3.38
N VAL B 23 -19.71 -3.08 -2.95
CA VAL B 23 -19.80 -4.20 -3.85
C VAL B 23 -21.14 -4.84 -3.61
N LEU B 24 -21.91 -4.99 -4.66
CA LEU B 24 -23.18 -5.68 -4.70
C LEU B 24 -24.14 -5.12 -3.63
N CYS B 25 -24.30 -3.82 -3.59
CA CYS B 25 -25.08 -3.21 -2.47
C CYS B 25 -25.58 -1.82 -2.76
N SER B 26 -25.65 -1.45 -4.04
CA SER B 26 -26.04 -0.10 -4.39
C SER B 26 -27.53 0.08 -4.61
N THR B 27 -28.14 -0.88 -5.30
CA THR B 27 -29.52 -0.80 -5.62
C THR B 27 -30.36 -1.71 -4.73
N GLU B 28 -31.69 -1.52 -4.78
CA GLU B 28 -32.57 -2.39 -4.03
C GLU B 28 -32.32 -3.86 -4.49
N GLU B 29 -32.25 -4.07 -5.82
CA GLU B 29 -31.91 -5.35 -6.33
C GLU B 29 -30.65 -5.94 -5.73
N ASP B 30 -29.60 -5.16 -5.69
CA ASP B 30 -28.34 -5.60 -5.13
C ASP B 30 -28.54 -6.05 -3.69
N LEU B 31 -29.19 -5.19 -2.88
CA LEU B 31 -29.39 -5.49 -1.47
C LEU B 31 -30.22 -6.71 -1.22
N ARG B 32 -31.25 -6.91 -2.03
CA ARG B 32 -32.05 -8.12 -2.02
CA ARG B 32 -32.05 -8.10 -2.03
C ARG B 32 -31.23 -9.36 -2.35
N CYS B 33 -30.32 -9.23 -3.32
CA CYS B 33 -29.45 -10.31 -3.73
C CYS B 33 -28.46 -10.65 -2.57
N MET B 34 -27.80 -9.66 -1.95
CA MET B 34 -26.93 -9.91 -0.79
C MET B 34 -27.73 -10.53 0.40
N THR B 35 -28.98 -10.12 0.54
CA THR B 35 -29.85 -10.65 1.61
C THR B 35 -30.17 -12.11 1.31
N ALA B 36 -30.42 -12.42 0.06
CA ALA B 36 -30.68 -13.80 -0.36
C ALA B 36 -29.49 -14.79 -0.34
N SER B 37 -28.29 -14.21 -0.38
CA SER B 37 -27.08 -15.02 -0.34
C SER B 37 -26.89 -15.69 1.03
N SER B 38 -25.87 -16.51 1.10
CA SER B 38 -25.48 -17.12 2.38
C SER B 38 -24.50 -16.37 3.20
N SER B 39 -24.25 -15.10 2.89
CA SER B 39 -23.49 -14.28 3.83
C SER B 39 -24.14 -14.11 5.17
N GLY B 40 -23.33 -13.82 6.16
CA GLY B 40 -23.84 -13.59 7.50
C GLY B 40 -24.41 -12.20 7.76
N ALA B 41 -24.03 -11.25 6.94
CA ALA B 41 -24.50 -9.91 7.05
C ALA B 41 -24.37 -9.20 5.67
N LEU B 42 -24.82 -7.93 5.59
CA LEU B 42 -24.54 -7.06 4.41
C LEU B 42 -24.36 -5.67 4.85
N VAL B 43 -23.71 -4.87 4.01
CA VAL B 43 -23.48 -3.49 4.25
C VAL B 43 -23.89 -2.80 2.95
N SER B 44 -24.58 -1.67 3.10
CA SER B 44 -25.00 -0.86 1.96
C SER B 44 -23.87 -0.08 1.40
N LYS B 45 -24.03 0.40 0.18
CA LYS B 45 -23.05 1.29 -0.47
C LYS B 45 -22.89 2.58 0.31
N SER B 46 -21.69 3.13 0.41
CA SER B 46 -21.52 4.43 1.13
C SER B 46 -22.35 5.52 0.44
N CYS B 47 -23.03 6.37 1.25
CA CYS B 47 -23.96 7.33 0.67
C CYS B 47 -23.67 8.76 1.12
N THR B 48 -24.14 9.68 0.28
CA THR B 48 -24.12 11.09 0.60
C THR B 48 -25.55 11.50 0.84
N SER B 49 -25.76 12.73 1.38
CA SER B 49 -27.15 13.16 1.69
C SER B 49 -27.94 13.16 0.47
N ALA B 50 -27.40 13.74 -0.62
CA ALA B 50 -28.12 13.78 -1.89
C ALA B 50 -27.64 12.67 -2.84
N PRO B 51 -28.52 12.20 -3.79
CA PRO B 51 -28.02 11.24 -4.78
C PRO B 51 -26.94 11.84 -5.60
N ARG B 52 -26.09 10.98 -6.16
CA ARG B 52 -25.06 11.38 -7.06
C ARG B 52 -24.84 10.28 -8.11
N ASP B 53 -24.37 10.69 -9.28
CA ASP B 53 -23.94 9.72 -10.33
C ASP B 53 -22.57 9.03 -10.18
N GLY B 54 -21.64 9.58 -9.39
CA GLY B 54 -20.26 9.11 -9.41
C GLY B 54 -19.50 9.52 -10.68
N ASN B 55 -18.33 8.93 -10.87
CA ASN B 55 -17.39 9.36 -11.92
C ASN B 55 -17.66 8.82 -13.35
N PRO B 56 -16.96 9.38 -14.38
CA PRO B 56 -17.11 8.82 -15.75
C PRO B 56 -16.64 7.37 -15.89
N GLU B 57 -17.24 6.58 -16.80
CA GLU B 57 -16.84 5.16 -16.94
C GLU B 57 -15.79 5.15 -17.98
N PRO B 58 -14.88 4.20 -17.96
CA PRO B 58 -14.75 3.08 -17.03
C PRO B 58 -14.23 3.52 -15.63
N ARG B 59 -14.81 3.01 -14.55
CA ARG B 59 -14.28 3.37 -13.23
C ARG B 59 -13.89 2.18 -12.32
N TYR B 60 -14.02 0.97 -12.83
CA TYR B 60 -13.62 -0.22 -12.10
C TYR B 60 -13.01 -1.17 -13.16
N MET B 61 -11.91 -1.80 -12.85
CA MET B 61 -11.33 -2.84 -13.70
C MET B 61 -10.67 -3.85 -12.84
N ALA B 62 -10.85 -5.12 -13.22
CA ALA B 62 -10.30 -6.23 -12.48
C ALA B 62 -9.31 -7.05 -13.32
N PHE B 63 -8.37 -7.64 -12.63
CA PHE B 63 -7.20 -8.31 -13.18
C PHE B 63 -6.88 -9.53 -12.31
N PRO B 64 -6.01 -10.42 -12.77
CA PRO B 64 -5.78 -11.64 -11.95
C PRO B 64 -5.39 -11.38 -10.50
N LEU B 65 -4.59 -10.33 -10.28
CA LEU B 65 -4.14 -9.97 -8.95
C LEU B 65 -5.02 -8.97 -8.19
N GLY B 66 -6.11 -8.52 -8.76
CA GLY B 66 -7.03 -7.66 -7.98
C GLY B 66 -7.68 -6.61 -8.81
N SER B 67 -8.11 -5.49 -8.20
CA SER B 67 -8.88 -4.55 -8.89
C SER B 67 -8.37 -3.13 -8.61
N ILE B 68 -8.76 -2.21 -9.51
CA ILE B 68 -8.55 -0.76 -9.32
C ILE B 68 -9.88 -0.10 -9.54
N ASN B 69 -10.21 0.90 -8.71
CA ASN B 69 -11.49 1.59 -8.91
C ASN B 69 -11.40 3.06 -8.55
N SER B 70 -12.12 3.89 -9.27
CA SER B 70 -12.31 5.27 -8.87
C SER B 70 -13.79 5.59 -8.98
N MET B 71 -14.60 4.84 -8.23
CA MET B 71 -16.04 4.95 -8.43
C MET B 71 -16.55 6.39 -8.13
N GLY B 72 -16.06 6.94 -7.03
CA GLY B 72 -16.29 8.37 -6.73
C GLY B 72 -17.65 8.46 -6.10
N LEU B 73 -18.47 9.42 -6.42
CA LEU B 73 -19.70 9.54 -5.64
C LEU B 73 -20.95 8.51 -5.71
N PRO B 74 -20.93 7.28 -6.40
CA PRO B 74 -22.27 6.87 -6.88
C PRO B 74 -23.24 6.12 -5.95
N ASN B 75 -24.38 6.74 -5.67
CA ASN B 75 -25.26 6.12 -4.74
C ASN B 75 -26.60 6.79 -4.96
N LEU B 76 -27.59 6.08 -4.49
CA LEU B 76 -28.93 6.47 -4.65
C LEU B 76 -29.28 7.61 -3.62
N GLY B 77 -28.34 7.98 -2.75
CA GLY B 77 -28.55 8.99 -1.71
C GLY B 77 -29.07 8.41 -0.42
N PHE B 78 -28.78 9.16 0.64
CA PHE B 78 -29.11 8.69 1.99
C PHE B 78 -30.57 8.34 2.17
N ASP B 79 -31.50 9.12 1.61
CA ASP B 79 -32.94 8.82 1.81
C ASP B 79 -33.26 7.43 1.37
N PHE B 80 -32.66 7.03 0.25
CA PHE B 80 -32.90 5.67 -0.23
C PHE B 80 -32.43 4.53 0.72
N TYR B 81 -31.19 4.65 1.17
CA TYR B 81 -30.59 3.62 2.07
C TYR B 81 -31.27 3.64 3.41
N LEU B 82 -31.58 4.85 3.88
CA LEU B 82 -32.37 4.94 5.17
C LEU B 82 -33.71 4.23 5.01
N LYS B 83 -34.43 4.46 3.90
CA LYS B 83 -35.70 3.76 3.68
C LYS B 83 -35.53 2.30 3.49
N TYR B 84 -34.45 1.87 2.80
CA TYR B 84 -34.20 0.43 2.78
C TYR B 84 -34.07 -0.18 4.20
N ALA B 85 -33.30 0.53 5.05
CA ALA B 85 -33.09 0.08 6.45
C ALA B 85 -34.38 0.14 7.23
N SER B 86 -35.12 1.25 7.03
CA SER B 86 -36.35 1.41 7.90
C SER B 86 -37.51 0.53 7.45
N ASP B 87 -37.74 0.37 6.13
CA ASP B 87 -38.94 -0.31 5.58
C ASP B 87 -38.79 -1.60 4.81
N LEU B 88 -37.65 -1.84 4.15
CA LEU B 88 -37.51 -2.94 3.21
C LEU B 88 -36.64 -4.08 3.72
N HIS B 89 -35.58 -3.78 4.47
CA HIS B 89 -34.71 -4.92 4.83
C HIS B 89 -35.40 -5.91 5.71
N ASP B 90 -35.19 -7.20 5.45
CA ASP B 90 -35.74 -8.26 6.29
C ASP B 90 -34.71 -8.63 7.34
N TYR B 91 -34.86 -8.04 8.53
CA TYR B 91 -33.89 -8.27 9.61
C TYR B 91 -33.93 -9.67 10.16
N SER B 92 -34.94 -10.44 9.78
CA SER B 92 -34.96 -11.83 10.14
C SER B 92 -33.95 -12.67 9.40
N LYS B 93 -33.48 -12.20 8.24
CA LYS B 93 -32.50 -12.94 7.48
C LYS B 93 -31.07 -12.69 7.93
N LYS B 94 -30.65 -11.42 8.19
CA LYS B 94 -29.31 -11.13 8.69
C LYS B 94 -29.27 -9.72 9.06
N PRO B 95 -28.30 -9.29 9.85
CA PRO B 95 -28.08 -7.89 10.11
C PRO B 95 -27.69 -7.03 8.91
N LEU B 96 -27.97 -5.74 9.00
CA LEU B 96 -27.59 -4.81 8.03
C LEU B 96 -26.73 -3.71 8.64
N PHE B 97 -25.64 -3.35 7.96
CA PHE B 97 -24.90 -2.17 8.20
C PHE B 97 -25.23 -1.16 7.13
N LEU B 98 -25.27 0.12 7.48
CA LEU B 98 -25.37 1.16 6.54
C LEU B 98 -24.09 1.98 6.57
N SER B 99 -23.46 2.18 5.41
CA SER B 99 -22.32 2.98 5.31
C SER B 99 -22.64 4.40 4.89
N ILE B 100 -22.12 5.41 5.62
CA ILE B 100 -22.26 6.80 5.20
C ILE B 100 -20.91 7.46 4.93
N SER B 101 -20.87 8.34 3.94
CA SER B 101 -19.69 8.99 3.57
C SER B 101 -19.98 10.39 3.06
N GLY B 102 -20.40 11.28 3.97
CA GLY B 102 -20.57 12.72 3.62
C GLY B 102 -19.27 13.42 3.34
N LEU B 103 -19.35 14.56 2.64
CA LEU B 103 -18.16 15.28 2.17
C LEU B 103 -17.58 16.33 3.22
N SER B 104 -18.24 16.39 4.37
CA SER B 104 -17.88 17.29 5.42
C SER B 104 -18.45 16.72 6.67
N VAL B 105 -17.94 17.19 7.77
CA VAL B 105 -18.43 16.74 9.05
C VAL B 105 -19.92 17.08 9.20
N GLU B 106 -20.33 18.26 8.70
CA GLU B 106 -21.72 18.71 8.82
C GLU B 106 -22.64 17.73 8.08
N GLU B 107 -22.23 17.32 6.88
CA GLU B 107 -23.08 16.39 6.12
C GLU B 107 -23.24 15.07 6.89
N ASN B 108 -22.12 14.53 7.42
CA ASN B 108 -22.22 13.28 8.19
C ASN B 108 -23.10 13.46 9.43
N VAL B 109 -22.92 14.58 10.14
CA VAL B 109 -23.81 14.87 11.31
C VAL B 109 -25.30 14.90 10.92
N ALA B 110 -25.61 15.57 9.81
CA ALA B 110 -26.99 15.59 9.36
C ALA B 110 -27.57 14.22 9.08
N MET B 111 -26.80 13.35 8.39
CA MET B 111 -27.26 11.98 8.19
CA MET B 111 -27.25 11.98 8.18
C MET B 111 -27.41 11.16 9.47
N VAL B 112 -26.44 11.19 10.37
CA VAL B 112 -26.54 10.31 11.53
C VAL B 112 -27.69 10.79 12.47
N ARG B 113 -27.95 12.10 12.52
CA ARG B 113 -29.13 12.53 13.29
C ARG B 113 -30.41 11.81 12.80
N ARG B 114 -30.55 11.58 11.48
CA ARG B 114 -31.78 10.92 10.95
C ARG B 114 -31.68 9.42 11.01
N LEU B 115 -30.44 8.87 10.95
CA LEU B 115 -30.29 7.46 11.10
C LEU B 115 -30.58 6.96 12.50
N ALA B 116 -30.20 7.77 13.51
CA ALA B 116 -30.34 7.37 14.91
C ALA B 116 -31.68 6.70 15.27
N PRO B 117 -32.82 7.36 14.93
CA PRO B 117 -34.09 6.70 15.25
C PRO B 117 -34.33 5.34 14.63
N VAL B 118 -33.84 5.17 13.37
CA VAL B 118 -34.02 3.85 12.68
C VAL B 118 -33.02 2.84 13.29
N ALA B 119 -31.83 3.33 13.66
CA ALA B 119 -30.95 2.41 14.40
C ALA B 119 -31.63 1.93 15.75
N GLN B 120 -32.24 2.89 16.46
CA GLN B 120 -32.94 2.51 17.74
C GLN B 120 -34.07 1.53 17.48
N GLU B 121 -34.89 1.78 16.48
CA GLU B 121 -36.06 0.93 16.18
C GLU B 121 -35.71 -0.43 15.59
N LYS B 122 -34.80 -0.43 14.62
CA LYS B 122 -34.56 -1.61 13.81
C LYS B 122 -33.22 -2.32 14.07
N GLY B 123 -32.24 -1.61 14.66
CA GLY B 123 -30.92 -2.16 14.95
C GLY B 123 -29.92 -2.15 13.75
N VAL B 124 -30.22 -1.38 12.73
CA VAL B 124 -29.26 -1.17 11.62
C VAL B 124 -28.02 -0.56 12.23
N LEU B 125 -26.84 -0.93 11.73
CA LEU B 125 -25.55 -0.56 12.33
C LEU B 125 -24.78 0.41 11.46
N LEU B 126 -24.31 1.53 11.99
CA LEU B 126 -23.60 2.50 11.22
C LEU B 126 -22.13 2.11 11.00
N GLU B 127 -21.66 2.15 9.73
CA GLU B 127 -20.29 2.09 9.40
C GLU B 127 -19.93 3.45 8.76
N LEU B 128 -19.20 4.27 9.48
CA LEU B 128 -18.82 5.57 9.03
C LEU B 128 -17.57 5.48 8.22
N ASN B 129 -17.57 5.98 6.99
CA ASN B 129 -16.47 5.80 6.11
C ASN B 129 -15.52 6.99 6.16
N LEU B 130 -14.30 6.80 6.68
CA LEU B 130 -13.31 7.84 6.77
C LEU B 130 -12.16 7.65 5.83
N SER B 131 -12.39 6.90 4.76
CA SER B 131 -11.23 6.44 3.93
C SER B 131 -11.44 6.35 2.45
N CYS B 132 -12.45 6.99 1.96
CA CYS B 132 -12.64 7.02 0.48
C CYS B 132 -11.41 7.68 -0.21
N PRO B 133 -10.68 6.94 -1.09
CA PRO B 133 -9.49 7.51 -1.72
C PRO B 133 -9.75 8.25 -3.07
N ASN B 134 -11.04 8.39 -3.46
CA ASN B 134 -11.42 8.77 -4.88
C ASN B 134 -12.34 10.01 -5.09
N VAL B 135 -12.50 10.84 -4.05
CA VAL B 135 -13.17 12.17 -4.23
C VAL B 135 -12.07 13.25 -4.48
N PRO B 136 -12.04 13.89 -5.70
CA PRO B 136 -10.97 14.91 -5.87
C PRO B 136 -11.17 16.11 -4.93
N GLY B 137 -10.08 16.58 -4.36
CA GLY B 137 -10.20 17.64 -3.34
C GLY B 137 -10.53 17.20 -1.92
N LYS B 138 -10.92 15.94 -1.73
CA LYS B 138 -11.45 15.45 -0.45
C LYS B 138 -10.67 14.17 0.00
N PRO B 139 -9.35 14.33 0.36
CA PRO B 139 -8.49 13.20 0.75
C PRO B 139 -9.01 12.44 1.95
N GLN B 140 -8.71 11.14 1.99
CA GLN B 140 -8.98 10.27 3.12
C GLN B 140 -8.93 11.03 4.46
N VAL B 141 -10.10 11.14 5.09
CA VAL B 141 -10.23 11.84 6.40
C VAL B 141 -9.34 11.22 7.48
N ALA B 142 -9.25 9.91 7.46
CA ALA B 142 -8.38 9.32 8.47
C ALA B 142 -6.90 9.41 8.26
N TYR B 143 -6.47 10.03 7.17
CA TYR B 143 -5.06 10.39 7.10
C TYR B 143 -4.71 11.77 7.68
N ASP B 144 -5.72 12.43 8.21
CA ASP B 144 -5.59 13.72 8.94
C ASP B 144 -6.15 13.45 10.32
N PHE B 145 -5.29 13.24 11.32
CA PHE B 145 -5.78 12.81 12.64
C PHE B 145 -6.59 13.85 13.38
N GLU B 146 -6.28 15.14 13.18
CA GLU B 146 -7.13 16.18 13.77
C GLU B 146 -8.52 16.23 13.13
N ALA B 147 -8.57 16.13 11.80
CA ALA B 147 -9.88 15.99 11.15
C ALA B 147 -10.62 14.72 11.61
N MET B 148 -9.92 13.57 11.70
CA MET B 148 -10.60 12.37 12.18
C MET B 148 -11.19 12.52 13.58
N ARG B 149 -10.44 13.12 14.51
CA ARG B 149 -10.97 13.35 15.86
C ARG B 149 -12.22 14.26 15.80
N THR B 150 -12.16 15.30 14.98
CA THR B 150 -13.31 16.27 14.86
C THR B 150 -14.49 15.49 14.30
N TYR B 151 -14.28 14.65 13.26
CA TYR B 151 -15.45 13.87 12.72
C TYR B 151 -16.00 12.94 13.79
N LEU B 152 -15.16 12.32 14.59
CA LEU B 152 -15.67 11.30 15.52
C LEU B 152 -16.30 11.94 16.77
N GLN B 153 -15.75 13.09 17.22
CA GLN B 153 -16.45 13.89 18.28
C GLN B 153 -17.86 14.27 17.85
N GLN B 154 -17.96 14.87 16.68
CA GLN B 154 -19.26 15.45 16.22
C GLN B 154 -20.27 14.34 15.93
N VAL B 155 -19.80 13.24 15.29
CA VAL B 155 -20.73 12.14 15.03
C VAL B 155 -21.14 11.46 16.26
N SER B 156 -20.24 11.23 17.19
CA SER B 156 -20.59 10.56 18.43
C SER B 156 -21.67 11.39 19.21
N LEU B 157 -21.42 12.70 19.29
CA LEU B 157 -22.39 13.62 19.96
C LEU B 157 -23.79 13.62 19.31
N ALA B 158 -23.78 13.64 17.99
CA ALA B 158 -25.03 13.73 17.14
C ALA B 158 -25.76 12.39 17.06
N TYR B 159 -25.02 11.29 17.00
CA TYR B 159 -25.63 9.96 16.90
C TYR B 159 -25.98 9.31 18.22
N GLY B 160 -25.00 9.29 19.13
CA GLY B 160 -25.19 8.78 20.48
C GLY B 160 -25.42 7.29 20.64
N LEU B 161 -25.12 6.49 19.62
CA LEU B 161 -25.33 5.06 19.64
C LEU B 161 -24.03 4.39 19.10
N PRO B 162 -23.86 3.09 19.36
CA PRO B 162 -22.58 2.43 18.94
C PRO B 162 -22.44 2.50 17.42
N PHE B 163 -21.22 2.76 16.91
CA PHE B 163 -21.02 2.73 15.48
C PHE B 163 -19.62 2.14 15.17
N GLY B 164 -19.28 2.03 13.88
CA GLY B 164 -17.95 1.64 13.41
C GLY B 164 -17.40 2.57 12.38
N VAL B 165 -16.10 2.40 12.06
CA VAL B 165 -15.42 3.29 11.20
C VAL B 165 -14.70 2.37 10.16
N LYS B 166 -14.79 2.77 8.93
CA LYS B 166 -14.03 2.09 7.84
C LYS B 166 -12.76 2.88 7.67
N MET B 167 -11.63 2.21 7.92
CA MET B 167 -10.39 2.82 7.99
C MET B 167 -9.61 2.63 6.71
N PRO B 168 -8.75 3.60 6.37
CA PRO B 168 -7.82 3.40 5.29
C PRO B 168 -6.68 2.57 5.82
N PRO B 169 -5.92 1.89 4.93
CA PRO B 169 -4.70 1.24 5.44
C PRO B 169 -3.63 2.23 5.91
N TYR B 170 -2.86 1.87 6.94
CA TYR B 170 -1.64 2.60 7.27
C TYR B 170 -0.43 1.71 7.06
N PHE B 171 0.73 2.34 7.05
CA PHE B 171 1.98 1.75 6.59
C PHE B 171 3.14 2.01 7.51
N ASP B 172 2.81 2.60 8.70
CA ASP B 172 3.80 3.27 9.55
C ASP B 172 3.36 2.99 10.99
N ILE B 173 4.27 2.45 11.80
CA ILE B 173 3.91 2.03 13.15
C ILE B 173 3.44 3.30 13.92
N ALA B 174 4.06 4.44 13.72
CA ALA B 174 3.63 5.65 14.50
C ALA B 174 2.20 6.03 14.12
N HIS B 175 1.89 5.92 12.82
CA HIS B 175 0.53 6.09 12.38
C HIS B 175 -0.43 5.09 12.98
N PHE B 176 -0.07 3.83 13.10
CA PHE B 176 -0.96 2.88 13.77
C PHE B 176 -1.18 3.37 15.24
N ASP B 177 -0.07 3.68 15.91
CA ASP B 177 -0.18 4.08 17.34
C ASP B 177 -1.15 5.31 17.41
N THR B 178 -0.91 6.30 16.59
CA THR B 178 -1.66 7.57 16.70
C THR B 178 -3.17 7.33 16.33
N ALA B 179 -3.38 6.61 15.19
CA ALA B 179 -4.78 6.40 14.74
C ALA B 179 -5.56 5.57 15.73
N ALA B 180 -4.93 4.54 16.30
CA ALA B 180 -5.61 3.72 17.26
C ALA B 180 -5.91 4.54 18.59
N ALA B 181 -4.98 5.38 18.98
CA ALA B 181 -5.22 6.24 20.17
C ALA B 181 -6.38 7.25 19.87
N VAL B 182 -6.44 7.82 18.65
CA VAL B 182 -7.60 8.68 18.31
C VAL B 182 -8.87 7.84 18.43
N LEU B 183 -8.92 6.61 17.88
CA LEU B 183 -10.13 5.81 17.95
C LEU B 183 -10.52 5.48 19.33
N ASN B 184 -9.53 5.19 20.19
CA ASN B 184 -9.76 4.76 21.55
C ASN B 184 -10.29 5.95 22.42
N GLU B 185 -10.19 7.18 21.93
CA GLU B 185 -10.81 8.39 22.60
C GLU B 185 -12.34 8.29 22.52
N PHE B 186 -12.92 7.34 21.73
CA PHE B 186 -14.37 7.35 21.43
C PHE B 186 -15.00 6.02 21.80
N PRO B 187 -15.68 5.95 22.93
CA PRO B 187 -16.24 4.64 23.37
C PRO B 187 -17.39 4.11 22.54
N LEU B 188 -18.09 5.02 21.84
CA LEU B 188 -19.18 4.64 20.93
C LEU B 188 -18.61 3.98 19.66
N VAL B 189 -17.32 4.17 19.37
CA VAL B 189 -16.74 3.44 18.17
C VAL B 189 -16.48 2.02 18.65
N LYS B 190 -17.39 1.11 18.34
CA LYS B 190 -17.28 -0.27 18.77
C LYS B 190 -16.66 -1.28 17.77
N PHE B 191 -16.57 -0.91 16.47
CA PHE B 191 -15.83 -1.83 15.54
C PHE B 191 -15.05 -0.93 14.60
N VAL B 192 -13.97 -1.50 14.05
CA VAL B 192 -13.05 -0.80 13.19
C VAL B 192 -12.87 -1.72 12.01
N THR B 193 -13.24 -1.27 10.81
CA THR B 193 -13.10 -2.09 9.57
C THR B 193 -11.83 -1.74 8.90
N CYS B 194 -10.91 -2.72 8.85
CA CYS B 194 -9.56 -2.54 8.24
C CYS B 194 -9.53 -3.58 7.07
N VAL B 195 -9.49 -3.20 5.79
CA VAL B 195 -9.18 -1.87 5.30
C VAL B 195 -10.07 -1.55 4.11
N ASN B 196 -10.18 -0.24 3.89
CA ASN B 196 -10.57 0.29 2.60
C ASN B 196 -9.45 0.01 1.62
N SER B 197 -9.74 0.36 0.38
CA SER B 197 -8.78 0.13 -0.69
CA SER B 197 -8.76 0.21 -0.72
C SER B 197 -7.45 0.86 -0.48
N VAL B 198 -6.41 0.25 -1.00
CA VAL B 198 -5.09 0.87 -0.93
C VAL B 198 -5.08 2.03 -1.98
N GLY B 199 -5.13 3.29 -1.47
CA GLY B 199 -5.41 4.41 -2.33
C GLY B 199 -4.41 4.75 -3.41
N ASN B 200 -4.96 5.27 -4.51
CA ASN B 200 -4.19 5.89 -5.55
C ASN B 200 -3.05 5.07 -6.12
N GLY B 201 -3.34 3.81 -6.42
CA GLY B 201 -2.51 3.01 -7.31
C GLY B 201 -2.79 3.37 -8.76
N LEU B 202 -2.02 2.80 -9.65
CA LEU B 202 -2.10 3.08 -11.07
C LEU B 202 -1.85 1.83 -11.84
N VAL B 203 -2.86 1.40 -12.58
CA VAL B 203 -2.71 0.32 -13.53
C VAL B 203 -2.56 0.85 -14.92
N ILE B 204 -1.59 0.24 -15.63
CA ILE B 204 -1.28 0.60 -17.04
C ILE B 204 -1.26 -0.61 -17.90
N ASP B 205 -1.96 -0.54 -19.04
CA ASP B 205 -2.03 -1.60 -20.02
C ASP B 205 -0.87 -1.42 -21.03
N ALA B 206 -0.03 -2.42 -21.09
CA ALA B 206 1.14 -2.35 -21.91
C ALA B 206 0.82 -2.26 -23.42
N GLU B 207 -0.18 -2.98 -23.89
CA GLU B 207 -0.44 -2.98 -25.33
C GLU B 207 -0.91 -1.59 -25.78
N SER B 208 -1.88 -0.99 -25.03
CA SER B 208 -2.51 0.23 -25.38
C SER B 208 -1.73 1.44 -24.91
N GLU B 209 -0.78 1.19 -24.01
CA GLU B 209 0.03 2.22 -23.39
C GLU B 209 -0.81 3.23 -22.59
N SER B 210 -1.91 2.76 -22.03
CA SER B 210 -2.92 3.59 -21.46
C SER B 210 -3.29 3.10 -20.06
N VAL B 211 -3.67 4.05 -19.20
CA VAL B 211 -4.39 3.76 -17.96
C VAL B 211 -5.70 3.06 -18.31
N VAL B 212 -6.26 2.40 -17.32
CA VAL B 212 -7.45 1.60 -17.54
C VAL B 212 -8.75 2.14 -16.94
N ILE B 213 -8.70 3.16 -16.11
CA ILE B 213 -9.88 3.80 -15.64
C ILE B 213 -9.76 5.29 -15.99
N LYS B 214 -10.91 5.90 -16.18
CA LYS B 214 -10.99 7.27 -16.71
C LYS B 214 -10.79 8.37 -15.73
N PRO B 215 -11.46 8.34 -14.56
CA PRO B 215 -11.24 9.47 -13.61
C PRO B 215 -9.79 9.61 -13.09
N LYS B 216 -9.42 10.80 -12.59
CA LYS B 216 -8.14 10.98 -11.91
C LYS B 216 -6.91 10.50 -12.65
N GLN B 217 -6.85 10.69 -13.98
CA GLN B 217 -5.73 10.29 -14.80
C GLN B 217 -5.32 8.83 -14.58
N GLY B 218 -6.36 8.02 -14.32
CA GLY B 218 -6.14 6.58 -14.11
C GLY B 218 -5.87 6.12 -12.72
N PHE B 219 -5.66 7.02 -11.78
CA PHE B 219 -5.40 6.67 -10.36
C PHE B 219 -6.67 6.19 -9.64
N GLY B 220 -6.54 5.15 -8.85
CA GLY B 220 -7.67 4.56 -8.15
C GLY B 220 -7.25 3.63 -7.03
N GLY B 221 -8.21 3.24 -6.22
CA GLY B 221 -7.89 2.39 -5.07
C GLY B 221 -7.75 0.93 -5.48
N LEU B 222 -6.79 0.24 -4.84
CA LEU B 222 -6.51 -1.16 -5.15
C LEU B 222 -7.19 -2.08 -4.14
N GLY B 223 -7.72 -3.17 -4.67
CA GLY B 223 -8.34 -4.24 -3.92
C GLY B 223 -7.80 -5.57 -4.42
N GLY B 224 -8.06 -6.62 -3.65
CA GLY B 224 -7.73 -7.96 -4.15
C GLY B 224 -6.45 -8.54 -3.68
N LYS B 225 -5.85 -9.43 -4.49
CA LYS B 225 -4.64 -10.08 -4.03
C LYS B 225 -3.49 -9.12 -3.73
N TYR B 226 -3.43 -8.01 -4.41
CA TYR B 226 -2.42 -7.02 -4.11
C TYR B 226 -2.35 -6.59 -2.64
N ILE B 227 -3.48 -6.64 -1.93
CA ILE B 227 -3.59 -5.96 -0.68
C ILE B 227 -3.69 -6.86 0.55
N LEU B 228 -3.62 -8.15 0.37
CA LEU B 228 -3.85 -9.07 1.52
C LEU B 228 -2.88 -8.82 2.67
N PRO B 229 -1.55 -8.83 2.44
CA PRO B 229 -0.64 -8.57 3.58
C PRO B 229 -0.80 -7.20 4.25
N THR B 230 -1.10 -6.18 3.47
CA THR B 230 -1.45 -4.86 3.99
C THR B 230 -2.71 -4.94 4.90
N ALA B 231 -3.70 -5.62 4.42
CA ALA B 231 -5.00 -5.81 5.19
C ALA B 231 -4.77 -6.56 6.49
N LEU B 232 -4.04 -7.67 6.39
CA LEU B 232 -3.70 -8.46 7.60
C LEU B 232 -2.91 -7.62 8.62
N ALA B 233 -1.97 -6.82 8.17
CA ALA B 233 -1.22 -5.98 9.06
C ALA B 233 -2.11 -5.00 9.80
N ASN B 234 -3.00 -4.37 9.06
CA ASN B 234 -3.86 -3.37 9.69
C ASN B 234 -4.82 -4.04 10.63
N VAL B 235 -5.40 -5.13 10.21
CA VAL B 235 -6.29 -5.89 11.10
C VAL B 235 -5.53 -6.16 12.46
N ASN B 236 -4.34 -6.75 12.36
CA ASN B 236 -3.62 -7.08 13.60
C ASN B 236 -3.19 -5.85 14.35
N ALA B 237 -2.71 -4.82 13.67
CA ALA B 237 -2.29 -3.60 14.33
C ALA B 237 -3.42 -3.03 15.20
N PHE B 238 -4.64 -3.02 14.69
CA PHE B 238 -5.75 -2.41 15.42
C PHE B 238 -6.31 -3.36 16.42
N TYR B 239 -6.18 -4.68 16.18
CA TYR B 239 -6.63 -5.66 17.07
C TYR B 239 -5.74 -5.55 18.33
N ARG B 240 -4.45 -5.36 18.14
CA ARG B 240 -3.55 -5.28 19.31
C ARG B 240 -3.82 -3.98 20.07
N ARG B 241 -4.02 -2.86 19.37
CA ARG B 241 -4.08 -1.52 19.98
C ARG B 241 -5.48 -1.17 20.48
N CYS B 242 -6.52 -1.92 20.12
CA CYS B 242 -7.93 -1.49 20.39
C CYS B 242 -8.54 -2.64 21.13
N PRO B 243 -8.06 -2.92 22.37
CA PRO B 243 -8.60 -4.12 23.03
C PRO B 243 -10.08 -4.03 23.42
N ASP B 244 -10.67 -2.85 23.50
CA ASP B 244 -12.10 -2.83 23.82
C ASP B 244 -12.97 -2.66 22.58
N LYS B 245 -12.43 -2.87 21.37
CA LYS B 245 -13.28 -2.70 20.17
C LYS B 245 -13.23 -4.02 19.41
N LEU B 246 -14.12 -4.18 18.42
CA LEU B 246 -13.99 -5.30 17.43
C LEU B 246 -13.29 -4.78 16.19
N VAL B 247 -12.58 -5.69 15.51
CA VAL B 247 -11.89 -5.36 14.23
C VAL B 247 -12.58 -6.25 13.19
N PHE B 248 -13.06 -5.62 12.13
CA PHE B 248 -13.63 -6.34 10.99
C PHE B 248 -12.54 -6.33 9.91
N GLY B 249 -12.32 -7.49 9.31
CA GLY B 249 -11.27 -7.62 8.27
C GLY B 249 -11.82 -7.42 6.88
N CYS B 250 -11.14 -6.63 6.04
CA CYS B 250 -11.49 -6.50 4.65
C CYS B 250 -10.23 -6.35 3.88
N GLY B 251 -10.08 -7.07 2.77
CA GLY B 251 -8.94 -6.87 1.88
C GLY B 251 -8.37 -8.24 1.48
N GLY B 252 -8.45 -8.52 0.21
CA GLY B 252 -7.75 -9.68 -0.33
C GLY B 252 -8.34 -11.05 -0.07
N VAL B 253 -9.62 -11.13 0.32
CA VAL B 253 -10.21 -12.43 0.62
C VAL B 253 -10.77 -13.02 -0.64
N TYR B 254 -10.19 -14.14 -1.07
CA TYR B 254 -10.74 -14.95 -2.15
C TYR B 254 -11.09 -16.39 -1.73
N SER B 255 -10.60 -16.81 -0.58
CA SER B 255 -10.75 -18.20 -0.13
C SER B 255 -11.00 -18.30 1.32
N GLY B 256 -11.39 -19.49 1.75
CA GLY B 256 -11.57 -19.74 3.17
C GLY B 256 -10.25 -19.62 3.90
N GLU B 257 -9.17 -19.96 3.22
CA GLU B 257 -7.85 -19.79 3.80
C GLU B 257 -7.52 -18.31 4.06
N ASP B 258 -7.86 -17.44 3.10
CA ASP B 258 -7.59 -16.03 3.29
C ASP B 258 -8.44 -15.51 4.48
N ALA B 259 -9.71 -15.97 4.58
CA ALA B 259 -10.56 -15.65 5.74
C ALA B 259 -9.95 -16.15 7.07
N PHE B 260 -9.39 -17.35 7.04
CA PHE B 260 -8.70 -17.93 8.21
C PHE B 260 -7.57 -17.01 8.68
N LEU B 261 -6.76 -16.47 7.72
CA LEU B 261 -5.73 -15.60 8.05
C LEU B 261 -6.25 -14.28 8.68
N HIS B 262 -7.30 -13.74 8.09
CA HIS B 262 -7.87 -12.53 8.66
C HIS B 262 -8.31 -12.74 10.13
N ILE B 263 -8.90 -13.87 10.36
CA ILE B 263 -9.45 -14.21 11.72
C ILE B 263 -8.28 -14.49 12.72
N LEU B 264 -7.24 -15.18 12.26
CA LEU B 264 -5.98 -15.28 13.05
C LEU B 264 -5.40 -13.94 13.39
N ALA B 265 -5.47 -12.99 12.47
CA ALA B 265 -4.94 -11.70 12.73
C ALA B 265 -5.80 -10.90 13.75
N GLY B 266 -7.03 -11.26 13.89
CA GLY B 266 -7.95 -10.60 14.84
C GLY B 266 -9.36 -10.30 14.34
N ALA B 267 -9.66 -10.65 13.10
CA ALA B 267 -10.95 -10.27 12.49
C ALA B 267 -12.14 -11.01 13.16
N SER B 268 -13.18 -10.21 13.44
CA SER B 268 -14.44 -10.77 13.87
C SER B 268 -15.32 -11.08 12.70
N MET B 269 -15.67 -10.08 11.92
CA MET B 269 -16.35 -10.31 10.62
C MET B 269 -15.26 -10.18 9.56
N VAL B 270 -15.53 -10.78 8.40
CA VAL B 270 -14.66 -10.76 7.20
C VAL B 270 -15.46 -10.33 5.99
N GLN B 271 -15.01 -9.24 5.40
CA GLN B 271 -15.72 -8.63 4.28
C GLN B 271 -15.02 -8.98 2.97
N VAL B 272 -15.82 -9.11 1.90
CA VAL B 272 -15.32 -9.60 0.63
C VAL B 272 -15.74 -8.55 -0.45
N GLY B 273 -14.72 -7.92 -1.08
CA GLY B 273 -14.95 -6.93 -2.11
C GLY B 273 -14.71 -7.48 -3.51
N THR B 274 -13.49 -7.26 -3.98
CA THR B 274 -13.06 -7.67 -5.34
C THR B 274 -13.50 -9.08 -5.71
N ALA B 275 -13.28 -10.04 -4.84
CA ALA B 275 -13.57 -11.40 -5.16
C ALA B 275 -15.05 -11.63 -5.38
N LEU B 276 -15.88 -10.96 -4.57
CA LEU B 276 -17.31 -10.96 -4.72
C LEU B 276 -17.76 -10.26 -6.02
N GLN B 277 -17.22 -9.12 -6.30
CA GLN B 277 -17.45 -8.45 -7.57
C GLN B 277 -17.16 -9.37 -8.78
N GLU B 278 -16.11 -10.14 -8.71
CA GLU B 278 -15.70 -10.99 -9.79
C GLU B 278 -16.48 -12.34 -9.88
N GLU B 279 -16.72 -12.96 -8.75
CA GLU B 279 -17.36 -14.31 -8.69
C GLU B 279 -18.83 -14.26 -8.53
N GLY B 280 -19.37 -13.20 -7.93
CA GLY B 280 -20.73 -13.13 -7.53
C GLY B 280 -21.03 -13.84 -6.20
N PRO B 281 -22.29 -13.76 -5.79
CA PRO B 281 -22.67 -14.13 -4.42
C PRO B 281 -22.60 -15.62 -4.04
N GLY B 282 -22.46 -16.48 -5.03
CA GLY B 282 -22.10 -17.86 -4.83
C GLY B 282 -20.80 -18.04 -4.06
N ILE B 283 -19.92 -17.04 -4.13
CA ILE B 283 -18.69 -17.11 -3.36
C ILE B 283 -18.92 -17.41 -1.86
N PHE B 284 -20.03 -16.97 -1.30
CA PHE B 284 -20.23 -17.07 0.12
C PHE B 284 -20.33 -18.51 0.56
N THR B 285 -20.90 -19.38 -0.28
CA THR B 285 -21.09 -20.79 0.13
C THR B 285 -19.74 -21.44 0.08
N ARG B 286 -18.93 -21.08 -0.94
CA ARG B 286 -17.56 -21.58 -1.07
C ARG B 286 -16.68 -21.15 0.09
N LEU B 287 -16.73 -19.86 0.48
CA LEU B 287 -15.91 -19.35 1.56
C LEU B 287 -16.24 -20.07 2.89
N GLU B 288 -17.53 -20.24 3.17
CA GLU B 288 -18.00 -20.96 4.37
C GLU B 288 -17.47 -22.43 4.40
N ASP B 289 -17.61 -23.11 3.29
CA ASP B 289 -17.20 -24.51 3.12
C ASP B 289 -15.70 -24.61 3.35
N GLU B 290 -14.95 -23.76 2.64
CA GLU B 290 -13.50 -23.73 2.83
C GLU B 290 -13.01 -23.40 4.21
N LEU B 291 -13.61 -22.43 4.91
CA LEU B 291 -13.22 -22.09 6.25
C LEU B 291 -13.53 -23.28 7.20
N LEU B 292 -14.72 -23.88 7.03
CA LEU B 292 -15.12 -25.00 7.93
C LEU B 292 -14.15 -26.14 7.77
N GLU B 293 -13.74 -26.37 6.53
CA GLU B 293 -12.82 -27.43 6.22
C GLU B 293 -11.42 -27.23 6.85
N ILE B 294 -10.91 -25.99 6.83
CA ILE B 294 -9.61 -25.71 7.42
C ILE B 294 -9.74 -25.89 8.91
N MET B 295 -10.85 -25.42 9.50
CA MET B 295 -11.07 -25.51 10.93
C MET B 295 -11.07 -26.98 11.37
N ALA B 296 -11.76 -27.81 10.60
CA ALA B 296 -11.85 -29.29 10.84
C ALA B 296 -10.49 -29.94 10.86
N ARG B 297 -9.74 -29.62 9.81
CA ARG B 297 -8.42 -30.19 9.60
C ARG B 297 -7.50 -29.81 10.76
N LYS B 298 -7.63 -28.66 11.34
CA LYS B 298 -6.85 -28.24 12.48
C LYS B 298 -7.49 -28.57 13.87
N GLY B 299 -8.72 -29.12 13.91
CA GLY B 299 -9.45 -29.39 15.19
C GLY B 299 -9.96 -28.15 15.89
N TYR B 300 -10.26 -27.08 15.14
CA TYR B 300 -10.90 -25.92 15.77
C TYR B 300 -12.42 -26.13 15.62
N ARG B 301 -13.14 -25.92 16.71
CA ARG B 301 -14.63 -25.93 16.66
C ARG B 301 -15.24 -24.55 16.69
N THR B 302 -14.54 -23.54 17.16
CA THR B 302 -15.11 -22.21 17.16
C THR B 302 -14.09 -21.26 16.56
N LEU B 303 -14.60 -20.11 16.13
CA LEU B 303 -13.76 -19.07 15.69
C LEU B 303 -13.01 -18.45 16.85
N GLU B 304 -13.61 -18.41 18.05
CA GLU B 304 -12.96 -17.83 19.20
C GLU B 304 -11.61 -18.47 19.57
N GLU B 305 -11.52 -19.74 19.27
CA GLU B 305 -10.36 -20.57 19.61
C GLU B 305 -9.11 -20.05 18.90
N PHE B 306 -9.30 -19.42 17.72
CA PHE B 306 -8.12 -18.94 16.96
C PHE B 306 -8.11 -17.46 16.60
N ARG B 307 -9.19 -16.74 16.89
CA ARG B 307 -9.17 -15.32 16.57
C ARG B 307 -8.12 -14.58 17.32
N GLY B 308 -7.25 -13.92 16.59
CA GLY B 308 -6.19 -13.07 17.14
C GLY B 308 -5.02 -13.92 17.61
N ARG B 309 -5.04 -15.21 17.32
CA ARG B 309 -4.01 -16.14 17.90
C ARG B 309 -2.84 -16.40 16.94
N VAL B 310 -2.66 -15.51 15.95
CA VAL B 310 -1.47 -15.55 15.12
C VAL B 310 -0.25 -15.64 16.01
N LYS B 311 0.65 -16.53 15.63
CA LYS B 311 1.90 -16.70 16.39
C LYS B 311 3.04 -15.82 15.91
N THR B 312 3.82 -15.29 16.83
CA THR B 312 5.03 -14.63 16.46
C THR B 312 6.22 -15.52 16.70
N ILE B 313 7.35 -15.14 16.13
CA ILE B 313 8.57 -15.96 16.28
C ILE B 313 9.40 -15.53 17.49
N GLU B 314 9.65 -16.48 18.39
CA GLU B 314 10.43 -16.29 19.68
C GLU B 314 9.67 -15.43 20.70
CAQ 5LM C . 20.29 -0.39 7.34
CAP 5LM C . 21.49 0.26 7.40
CAO 5LM C . 21.44 1.53 6.86
SAN 5LM C . 19.87 1.90 6.32
CAM 5LM C . 19.34 0.40 6.77
CAL 5LM C . 17.98 0.00 6.58
CAK 5LM C . 17.05 0.71 5.95
CAJ 5LM C . 15.77 -0.05 6.06
CAE 5LM C . 15.06 -0.77 4.94
CAF 5LM C . 14.64 -2.11 5.15
OAG 5LM C . 14.96 -2.81 6.18
NAA 5LM C . 13.93 -2.73 4.20
CAB 5LM C . 13.46 -2.06 3.12
OAH 5LM C . 12.67 -2.65 2.39
NAC 5LM C . 13.80 -0.78 2.85
CAD 5LM C . 14.58 -0.10 3.70
OAI 5LM C . 14.94 1.13 3.39
C1 GOL D . -2.07 12.16 -9.99
O1 GOL D . -1.01 12.91 -10.58
C2 GOL D . -3.38 12.93 -9.96
O2 GOL D . -3.27 13.78 -8.85
C3 GOL D . -4.59 12.00 -9.80
O3 GOL D . -5.75 12.76 -9.52
C1 GOL E . 3.18 -17.98 3.88
O1 GOL E . 3.83 -19.28 4.03
C2 GOL E . 2.54 -17.87 2.50
O2 GOL E . 1.59 -18.87 2.51
C3 GOL E . 1.88 -16.55 2.15
O3 GOL E . 1.18 -16.61 0.88
C1 GOL F . 19.57 -10.19 1.79
O1 GOL F . 20.91 -9.72 1.90
C2 GOL F . 19.47 -11.63 2.25
O2 GOL F . 20.10 -11.80 3.51
C3 GOL F . 18.03 -11.97 2.53
O3 GOL F . 17.90 -13.39 2.67
C1 GOL G . 1.71 21.88 0.47
O1 GOL G . 1.02 21.04 1.39
C2 GOL G . 0.80 22.43 -0.62
O2 GOL G . 1.59 23.15 -1.57
C3 GOL G . 0.11 21.23 -1.31
O3 GOL G . -0.29 21.39 -2.68
C1 GOL H . 18.88 10.77 -22.80
O1 GOL H . 19.44 9.46 -22.68
C2 GOL H . 17.60 11.20 -22.02
O2 GOL H . 16.39 10.52 -22.44
C3 GOL H . 17.78 11.03 -20.51
O3 GOL H . 17.08 12.10 -19.85
C1 GOL I . 6.73 16.77 -17.67
O1 GOL I . 6.40 15.98 -16.52
C2 GOL I . 7.68 15.98 -18.57
O2 GOL I . 7.16 15.94 -19.92
C3 GOL I . 9.10 16.57 -18.54
O3 GOL I . 9.80 16.03 -17.39
C1 GOL J . 24.24 -11.01 0.74
O1 GOL J . 25.39 -10.14 1.06
C2 GOL J . 23.05 -10.61 0.10
O2 GOL J . 22.76 -9.23 0.15
C3 GOL J . 22.90 -11.01 -1.37
O3 GOL J . 23.92 -11.84 -1.85
N1 FMN K . 15.70 0.05 0.24
C2 FMN K . 16.67 0.94 0.56
O2 FMN K . 16.54 2.11 0.09
N3 FMN K . 17.77 0.61 1.30
C4 FMN K . 18.06 -0.63 1.69
O4 FMN K . 19.07 -0.99 2.36
C4A FMN K . 17.08 -1.65 1.35
N5 FMN K . 17.32 -2.91 1.74
C5A FMN K . 16.45 -3.90 1.25
C6 FMN K . 16.74 -5.22 1.53
C7 FMN K . 15.86 -6.20 1.11
C7M FMN K . 16.20 -7.66 1.41
C8 FMN K . 14.70 -5.86 0.30
C8M FMN K . 13.73 -6.87 -0.28
C9 FMN K . 14.47 -4.53 -0.01
C9A FMN K . 15.28 -3.55 0.46
N10 FMN K . 15.01 -2.19 0.16
C10 FMN K . 15.94 -1.23 0.56
C1' FMN K . 13.93 -1.76 -0.70
C2' FMN K . 14.21 -1.98 -2.13
O2' FMN K . 15.28 -1.15 -2.58
C3' FMN K . 12.96 -1.72 -2.96
O3' FMN K . 12.66 -0.32 -2.83
C4' FMN K . 11.72 -2.59 -2.62
O4' FMN K . 12.17 -3.92 -2.39
C5' FMN K . 10.70 -2.53 -3.80
O5' FMN K . 11.25 -3.04 -5.03
P FMN K . 10.82 -4.55 -5.49
O1P FMN K . 9.33 -4.55 -5.61
O2P FMN K . 11.35 -5.44 -4.41
O3P FMN K . 11.63 -4.71 -6.78
C1 EDO L . 1.16 -13.22 -10.47
O1 EDO L . 1.63 -14.55 -10.72
C2 EDO L . 0.65 -12.50 -11.72
O2 EDO L . 1.77 -11.79 -12.26
C1 EDO M . 33.52 -0.13 7.43
O1 EDO M . 32.44 0.72 7.86
C2 EDO M . 34.70 -0.28 8.38
O2 EDO M . 35.69 -0.70 7.43
C1 EDO N . 12.27 -12.88 -10.64
O1 EDO N . 11.86 -13.33 -11.89
C2 EDO N . 12.07 -13.76 -9.43
O2 EDO N . 11.24 -14.90 -9.51
C1 EDO O . 29.23 2.09 -20.74
O1 EDO O . 28.67 1.06 -21.56
C2 EDO O . 28.07 2.78 -20.04
O2 EDO O . 28.22 2.63 -18.63
C1 EDO P . 21.93 -14.83 -6.87
O1 EDO P . 23.00 -13.70 -6.72
C2 EDO P . 21.76 -16.17 -7.80
O2 EDO P . 22.03 -16.56 -9.25
CAQ 5LM Q . -19.76 7.62 -2.95
CAP 5LM Q . -20.95 8.04 -2.37
CAO 5LM Q . -20.91 8.10 -1.01
SAN 5LM Q . -19.37 7.62 -0.44
CAM 5LM Q . -18.85 7.36 -1.97
CAL 5LM Q . -17.54 6.92 -2.25
CAK 5LM Q . -16.63 6.56 -1.37
CAJ 5LM Q . -15.43 6.24 -2.16
CAE 5LM Q . -14.80 4.88 -2.33
CAF 5LM Q . -14.47 4.44 -3.64
OAG 5LM Q . -14.78 5.02 -4.73
NAA 5LM Q . -13.81 3.31 -3.79
CAB 5LM Q . -13.30 2.62 -2.74
OAH 5LM Q . -12.55 1.66 -2.97
NAC 5LM Q . -13.55 2.96 -1.47
CAD 5LM Q . -14.28 4.06 -1.19
OAI 5LM Q . -14.55 4.36 0.07
C1 GOL R . 5.06 -4.06 15.11
O1 GOL R . 6.22 -3.31 15.59
C2 GOL R . 3.79 -3.64 15.88
O2 GOL R . 3.85 -2.24 16.23
C3 GOL R . 2.48 -3.79 15.12
O3 GOL R . 1.47 -4.24 16.03
C1 GOL S . 0.86 5.98 5.81
O1 GOL S . 0.62 5.28 7.00
C2 GOL S . -0.16 6.83 5.04
O2 GOL S . 0.59 7.14 3.82
C3 GOL S . -0.50 8.24 5.61
O3 GOL S . -1.08 8.33 6.95
C1 GOL T . -0.56 9.99 19.73
O1 GOL T . 0.22 10.31 18.60
C2 GOL T . 0.35 9.17 20.64
O2 GOL T . -0.39 8.83 21.79
C3 GOL T . 0.78 7.89 19.89
O3 GOL T . 1.76 7.07 20.57
C1 GOL U . -6.19 16.94 -4.53
O1 GOL U . -6.88 16.82 -5.80
C2 GOL U . -7.09 16.55 -3.37
O2 GOL U . -7.52 15.18 -3.46
C3 GOL U . -6.65 16.83 -1.92
O3 GOL U . -5.62 17.75 -1.62
C1 GOL V . -18.37 -1.78 -11.50
O1 GOL V . -18.36 -2.54 -12.69
C2 GOL V . -19.76 -1.89 -10.93
O2 GOL V . -20.51 -0.78 -11.44
C3 GOL V . -19.67 -1.78 -9.43
O3 GOL V . -20.94 -1.59 -8.81
C1 GOL W . -29.47 -14.89 -5.31
C1 GOL W . -29.31 -14.16 -4.64
O1 GOL W . -29.76 -13.57 -5.85
O1 GOL W . -29.81 -13.49 -5.81
C2 GOL W . -28.00 -15.09 -4.92
C2 GOL W . -28.25 -15.22 -4.98
O2 GOL W . -27.71 -14.49 -3.65
O2 GOL W . -28.93 -16.14 -5.84
C3 GOL W . -27.67 -16.59 -4.86
C3 GOL W . -27.66 -15.96 -3.78
O3 GOL W . -26.36 -16.85 -4.30
O3 GOL W . -26.36 -16.59 -4.01
N1 FMN X . -15.55 1.05 0.49
C2 FMN X . -16.42 1.81 1.15
O2 FMN X . -16.22 1.91 2.40
N3 FMN X . -17.49 2.40 0.56
C4 FMN X . -17.82 2.29 -0.71
O4 FMN X . -18.83 2.81 -1.25
C4A FMN X . -16.93 1.44 -1.52
N5 FMN X . -17.16 1.28 -2.82
C5A FMN X . -16.38 0.36 -3.48
C6 FMN X . -16.72 0.06 -4.81
C7 FMN X . -15.97 -0.86 -5.54
C7M FMN X . -16.38 -1.15 -6.94
C8 FMN X . -14.87 -1.48 -4.86
C8M FMN X . -13.99 -2.46 -5.60
C9 FMN X . -14.57 -1.22 -3.57
C9A FMN X . -15.28 -0.29 -2.85
N10 FMN X . -14.92 0.03 -1.55
C10 FMN X . -15.80 0.86 -0.83
C1' FMN X . -13.84 -0.62 -0.83
C2' FMN X . -14.19 -2.01 -0.39
O2' FMN X . -15.26 -1.98 0.61
C3' FMN X . -12.99 -2.72 0.18
O3' FMN X . -12.55 -1.98 1.36
C4' FMN X . -11.81 -2.87 -0.81
O4' FMN X . -12.31 -3.23 -2.07
C5' FMN X . -10.78 -3.87 -0.33
O5' FMN X . -11.35 -5.19 -0.19
P FMN X . -11.08 -6.32 -1.38
O1P FMN X . -9.63 -6.56 -1.38
O2P FMN X . -11.59 -5.72 -2.65
O3P FMN X . -11.91 -7.50 -0.97
CO NCO Y . -19.88 -10.53 -12.85
N1 NCO Y . -19.73 -11.46 -10.99
N2 NCO Y . -20.02 -9.59 -14.67
N3 NCO Y . -20.00 -8.72 -11.92
N4 NCO Y . -21.96 -10.69 -12.81
N5 NCO Y . -19.78 -12.35 -13.78
N6 NCO Y . -17.80 -10.39 -12.85
CO NCO Z . -8.95 -2.44 -24.65
CO NCO Z . -6.84 -4.94 -23.99
N1 NCO Z . -10.65 -3.40 -25.11
N1 NCO Z . -7.18 -6.90 -24.03
N2 NCO Z . -7.24 -1.48 -24.17
N2 NCO Z . -6.47 -2.98 -23.87
N3 NCO Z . -8.49 -3.62 -23.13
N3 NCO Z . -6.84 -5.13 -22.01
N4 NCO Z . -9.99 -1.28 -23.40
N4 NCO Z . -8.77 -4.52 -24.16
N5 NCO Z . -9.40 -1.28 -26.20
N5 NCO Z . -6.83 -4.77 -26.00
N6 NCO Z . -7.93 -3.60 -25.95
N6 NCO Z . -4.89 -5.33 -23.83
C1 EDO AA . -2.63 -16.19 -5.33
O1 EDO AA . -3.83 -16.91 -5.71
C2 EDO AA . -1.64 -15.90 -6.47
O2 EDO AA . -2.30 -15.28 -7.61
C1 EDO BA . -13.19 -14.48 -6.67
O1 EDO BA . -12.72 -15.77 -6.38
C2 EDO BA . -12.93 -13.79 -8.01
O2 EDO BA . -12.14 -14.44 -9.00
C1 EDO CA . -31.14 12.00 16.63
O1 EDO CA . -32.25 11.14 16.92
C2 EDO CA . -30.37 12.30 17.92
O2 EDO CA . -29.34 13.26 17.65
C1 EDO DA . -2.61 -5.61 -15.37
O1 EDO DA . -1.50 -6.44 -15.28
C2 EDO DA . -2.51 -4.71 -16.60
O2 EDO DA . -2.60 -5.39 -17.88
C1 EDO EA . -31.21 1.83 -9.06
O1 EDO EA . -32.53 2.11 -8.66
C2 EDO EA . -30.62 2.90 -9.96
O2 EDO EA . -29.22 2.76 -9.91
C1 EDO FA . -34.31 -7.67 2.38
O1 EDO FA . -33.89 -7.20 1.09
C2 EDO FA . -35.22 -8.90 2.34
O2 EDO FA . -35.29 -9.47 1.02
#